data_6M2C
#
_entry.id   6M2C
#
_cell.length_a   47.207
_cell.length_b   141.241
_cell.length_c   68.047
_cell.angle_alpha   90.000
_cell.angle_beta   104.810
_cell.angle_gamma   90.000
#
_symmetry.space_group_name_H-M   'P 1 21 1'
#
loop_
_entity.id
_entity.type
_entity.pdbx_description
1 polymer 'Ubiquitin-conjugating enzyme E2 D2'
2 polymer 'Mitochondrial ubiquitin ligase activator of NFKB 1'
3 non-polymer 'ZINC ION'
4 water water
#
loop_
_entity_poly.entity_id
_entity_poly.type
_entity_poly.pdbx_seq_one_letter_code
_entity_poly.pdbx_strand_id
1 'polypeptide(L)'
;GSMALKRIHKELNDLARDPPAQCSAGPVGDDMFHWQATIMGPNDSPYQGGVFFLTIHFPTDYPFKPPKVAFTTRIYHPNI
NSNGSICLDILRSQWSPALTISKVLLSICSLLCDPNPDDPLVPEIARIYKTDREKYNRIAREWTQKYAM
;
A,B,C,D
2 'polypeptide(L)' LKSACVVCLSSFKSCVFLECGHVCSCTECYRALPEPKKCPICRQAITRVIPLYNS E,F,G,H
#
loop_
_chem_comp.id
_chem_comp.type
_chem_comp.name
_chem_comp.formula
ZN non-polymer 'ZINC ION' 'Zn 2'
#
# COMPACT_ATOMS: atom_id res chain seq x y z
N GLY A 1 -30.71 -20.84 -13.55
CA GLY A 1 -29.91 -21.80 -12.80
C GLY A 1 -29.89 -21.52 -11.31
N SER A 2 -28.95 -20.67 -10.89
CA SER A 2 -28.84 -20.34 -9.47
C SER A 2 -29.83 -19.25 -9.10
N MET A 3 -29.96 -18.98 -7.80
CA MET A 3 -30.82 -17.89 -7.36
C MET A 3 -30.14 -16.55 -7.59
N ALA A 4 -28.82 -16.57 -7.55
CA ALA A 4 -28.01 -15.37 -7.76
C ALA A 4 -28.17 -14.88 -9.18
N LEU A 5 -28.20 -15.82 -10.12
CA LEU A 5 -28.29 -15.51 -11.54
C LEU A 5 -29.66 -14.91 -11.88
N LYS A 6 -30.71 -15.48 -11.30
CA LYS A 6 -32.06 -14.99 -11.54
C LYS A 6 -32.18 -13.61 -10.93
N ARG A 7 -31.53 -13.45 -9.78
CA ARG A 7 -31.52 -12.16 -9.09
C ARG A 7 -30.83 -11.10 -9.94
N ILE A 8 -29.68 -11.44 -10.48
CA ILE A 8 -28.92 -10.54 -11.32
C ILE A 8 -29.70 -10.18 -12.60
N HIS A 9 -30.46 -11.13 -13.15
CA HIS A 9 -31.24 -10.84 -14.36
C HIS A 9 -32.49 -9.99 -14.12
N LYS A 10 -33.18 -10.24 -13.01
CA LYS A 10 -34.34 -9.43 -12.69
C LYS A 10 -33.88 -8.02 -12.32
N GLU A 11 -32.70 -7.97 -11.72
CA GLU A 11 -32.09 -6.71 -11.32
C GLU A 11 -31.68 -5.92 -12.58
N LEU A 12 -31.20 -6.66 -13.58
CA LEU A 12 -30.82 -6.07 -14.85
C LEU A 12 -32.06 -5.51 -15.57
N ASN A 13 -33.17 -6.24 -15.48
CA ASN A 13 -34.41 -5.74 -16.09
C ASN A 13 -34.95 -4.49 -15.38
N ASP A 14 -34.88 -4.50 -14.04
CA ASP A 14 -35.30 -3.32 -13.28
C ASP A 14 -34.42 -2.13 -13.61
N LEU A 15 -33.17 -2.40 -13.96
CA LEU A 15 -32.25 -1.32 -14.32
C LEU A 15 -32.51 -0.83 -15.74
N ALA A 16 -33.06 -1.71 -16.58
CA ALA A 16 -33.32 -1.31 -17.95
C ALA A 16 -34.68 -0.64 -18.06
N ARG A 17 -35.46 -0.66 -16.98
CA ARG A 17 -36.74 0.07 -16.98
C ARG A 17 -36.81 1.19 -15.94
N ASP A 18 -36.10 1.04 -14.83
CA ASP A 18 -35.97 2.09 -13.83
C ASP A 18 -34.51 2.30 -13.43
N PRO A 19 -33.73 2.93 -14.31
CA PRO A 19 -32.31 3.18 -14.06
C PRO A 19 -32.10 4.17 -12.93
N PRO A 20 -31.04 3.99 -12.13
CA PRO A 20 -30.83 4.93 -11.03
C PRO A 20 -30.41 6.30 -11.56
N ALA A 21 -30.72 7.34 -10.80
CA ALA A 21 -30.38 8.72 -11.19
C ALA A 21 -28.87 8.89 -11.30
N GLN A 22 -28.42 9.37 -12.45
CA GLN A 22 -27.02 9.69 -12.71
C GLN A 22 -26.15 8.42 -12.71
N CYS A 23 -26.78 7.25 -12.86
CA CYS A 23 -26.06 5.97 -12.84
C CYS A 23 -26.58 4.92 -13.81
N SER A 24 -25.69 4.06 -14.30
CA SER A 24 -26.09 2.93 -15.15
C SER A 24 -25.13 1.75 -14.99
N ALA A 25 -25.59 0.52 -15.28
CA ALA A 25 -24.72 -0.66 -15.18
C ALA A 25 -25.15 -1.77 -16.14
N GLY A 26 -24.24 -2.70 -16.41
CA GLY A 26 -24.59 -3.85 -17.24
C GLY A 26 -23.46 -4.83 -17.50
N PRO A 27 -23.79 -5.99 -18.07
CA PRO A 27 -22.85 -7.10 -18.32
C PRO A 27 -21.73 -6.82 -19.32
N VAL A 28 -20.49 -7.08 -18.91
CA VAL A 28 -19.33 -7.04 -19.79
C VAL A 28 -19.25 -8.34 -20.61
N GLY A 29 -19.82 -8.33 -21.81
CA GLY A 29 -20.01 -9.55 -22.57
C GLY A 29 -21.12 -10.50 -22.08
N ASP A 30 -20.85 -11.79 -22.14
CA ASP A 30 -21.87 -12.82 -21.93
C ASP A 30 -21.91 -13.21 -20.45
N ASP A 31 -20.93 -12.76 -19.68
CA ASP A 31 -20.94 -13.14 -18.28
C ASP A 31 -21.86 -12.18 -17.54
N MET A 32 -22.72 -12.79 -16.73
CA MET A 32 -23.71 -12.06 -15.95
C MET A 32 -23.16 -11.65 -14.60
N PHE A 33 -22.05 -12.29 -14.21
CA PHE A 33 -21.44 -12.02 -12.91
C PHE A 33 -20.37 -10.94 -13.00
N HIS A 34 -20.13 -10.45 -14.21
CA HIS A 34 -19.20 -9.35 -14.41
C HIS A 34 -19.89 -8.18 -15.11
N TRP A 35 -20.03 -7.10 -14.36
CA TRP A 35 -20.69 -5.90 -14.83
C TRP A 35 -19.73 -4.73 -14.87
N GLN A 36 -20.17 -3.69 -15.56
CA GLN A 36 -19.50 -2.41 -15.59
C GLN A 36 -20.55 -1.37 -15.26
N ALA A 37 -20.17 -0.42 -14.42
CA ALA A 37 -21.08 0.64 -14.04
C ALA A 37 -20.50 1.98 -14.44
N THR A 38 -21.38 2.95 -14.60
CA THR A 38 -21.01 4.32 -14.90
C THR A 38 -21.76 5.26 -13.98
N ILE A 39 -20.97 6.09 -13.31
CA ILE A 39 -21.47 7.13 -12.44
C ILE A 39 -21.01 8.44 -13.02
N MET A 40 -21.93 9.33 -13.35
CA MET A 40 -21.50 10.66 -13.76
C MET A 40 -21.40 11.50 -12.49
N GLY A 41 -20.29 12.21 -12.35
CA GLY A 41 -20.02 13.00 -11.16
C GLY A 41 -21.15 13.88 -10.67
N PRO A 42 -21.46 13.74 -9.37
CA PRO A 42 -22.51 14.49 -8.67
C PRO A 42 -22.23 15.99 -8.66
N ASN A 43 -23.29 16.78 -8.67
CA ASN A 43 -23.13 18.22 -8.69
C ASN A 43 -22.79 18.79 -7.32
N ASP A 44 -23.15 18.06 -6.26
CA ASP A 44 -22.77 18.46 -4.92
C ASP A 44 -21.40 17.89 -4.58
N SER A 45 -20.42 18.19 -5.42
CA SER A 45 -19.08 17.63 -5.28
C SER A 45 -18.12 18.27 -6.26
N PRO A 46 -16.82 18.23 -5.94
CA PRO A 46 -15.78 18.68 -6.87
C PRO A 46 -15.67 17.75 -8.06
N TYR A 47 -16.47 16.70 -8.05
CA TYR A 47 -16.54 15.77 -9.16
C TYR A 47 -17.74 16.14 -10.00
N GLN A 48 -17.59 17.18 -10.82
CA GLN A 48 -18.66 17.59 -11.71
C GLN A 48 -18.22 17.51 -13.15
N GLY A 49 -19.12 17.04 -14.00
CA GLY A 49 -18.82 16.87 -15.41
C GLY A 49 -17.97 15.66 -15.71
N GLY A 50 -17.39 15.07 -14.66
CA GLY A 50 -16.56 13.89 -14.83
C GLY A 50 -17.41 12.63 -14.94
N VAL A 51 -16.97 11.71 -15.79
CA VAL A 51 -17.65 10.44 -15.92
C VAL A 51 -16.74 9.33 -15.38
N PHE A 52 -17.22 8.63 -14.36
CA PHE A 52 -16.42 7.62 -13.68
C PHE A 52 -16.91 6.21 -13.93
N PHE A 53 -15.96 5.34 -14.22
CA PHE A 53 -16.27 3.93 -14.53
C PHE A 53 -15.93 3.01 -13.37
N LEU A 54 -16.73 1.98 -13.21
CA LEU A 54 -16.53 1.02 -12.15
C LEU A 54 -16.71 -0.38 -12.70
N THR A 55 -16.11 -1.35 -12.01
CA THR A 55 -16.27 -2.75 -12.30
C THR A 55 -17.02 -3.42 -11.16
N ILE A 56 -17.85 -4.41 -11.52
CA ILE A 56 -18.68 -5.11 -10.55
C ILE A 56 -18.57 -6.63 -10.68
N HIS A 57 -18.11 -7.28 -9.61
CA HIS A 57 -18.04 -8.74 -9.58
C HIS A 57 -19.03 -9.33 -8.57
N PHE A 58 -20.01 -10.05 -9.08
CA PHE A 58 -21.02 -10.72 -8.26
C PHE A 58 -20.48 -12.07 -7.75
N PRO A 59 -20.66 -12.36 -6.45
CA PRO A 59 -20.31 -13.67 -5.87
C PRO A 59 -21.28 -14.79 -6.28
N THR A 60 -20.81 -16.04 -6.24
CA THR A 60 -21.61 -17.21 -6.61
C THR A 60 -22.88 -17.35 -5.76
N ASP A 61 -22.81 -16.76 -4.56
CA ASP A 61 -23.90 -16.76 -3.60
C ASP A 61 -24.44 -15.34 -3.44
N TYR A 62 -24.51 -14.63 -4.56
CA TYR A 62 -24.72 -13.17 -4.55
C TYR A 62 -25.74 -12.46 -3.67
N PRO A 63 -27.00 -12.93 -3.59
CA PRO A 63 -27.77 -11.87 -2.92
C PRO A 63 -27.47 -11.86 -1.43
N PHE A 64 -26.93 -12.98 -0.96
CA PHE A 64 -26.58 -13.15 0.44
C PHE A 64 -25.15 -12.68 0.73
N LYS A 65 -24.42 -12.31 -0.32
CA LYS A 65 -23.07 -11.76 -0.17
C LYS A 65 -22.84 -10.49 -1.01
N PRO A 66 -22.07 -9.53 -0.48
CA PRO A 66 -21.84 -8.25 -1.17
C PRO A 66 -21.07 -8.41 -2.48
N PRO A 67 -21.36 -7.54 -3.46
CA PRO A 67 -20.66 -7.42 -4.74
C PRO A 67 -19.32 -6.70 -4.61
N LYS A 68 -18.28 -7.21 -5.27
CA LYS A 68 -16.99 -6.51 -5.27
C LYS A 68 -17.02 -5.40 -6.30
N VAL A 69 -17.00 -4.17 -5.82
CA VAL A 69 -17.09 -3.01 -6.68
C VAL A 69 -15.80 -2.22 -6.62
N ALA A 70 -15.28 -1.82 -7.77
CA ALA A 70 -14.04 -1.03 -7.76
C ALA A 70 -14.05 0.02 -8.86
N PHE A 71 -13.36 1.14 -8.65
CA PHE A 71 -13.29 2.17 -9.67
C PHE A 71 -12.25 1.83 -10.74
N THR A 72 -12.55 2.19 -11.99
CA THR A 72 -11.63 2.03 -13.09
C THR A 72 -10.95 3.38 -13.32
N THR A 73 -11.76 4.42 -13.27
CA THR A 73 -11.31 5.80 -13.38
C THR A 73 -10.58 6.25 -12.13
N ARG A 74 -9.46 6.94 -12.28
CA ARG A 74 -8.71 7.45 -11.13
C ARG A 74 -9.48 8.60 -10.49
N ILE A 75 -9.38 8.71 -9.18
CA ILE A 75 -10.18 9.68 -8.45
C ILE A 75 -9.51 10.09 -7.13
N TYR A 76 -9.65 11.37 -6.79
CA TYR A 76 -9.08 11.92 -5.58
C TYR A 76 -10.13 11.93 -4.46
N HIS A 77 -10.17 10.89 -3.63
CA HIS A 77 -11.21 10.74 -2.60
C HIS A 77 -10.70 9.98 -1.38
N PRO A 78 -11.07 10.45 -0.17
CA PRO A 78 -10.60 9.89 1.11
C PRO A 78 -10.91 8.40 1.30
N ASN A 79 -12.05 7.96 0.78
CA ASN A 79 -12.46 6.57 0.96
C ASN A 79 -12.26 5.71 -0.28
N ILE A 80 -11.54 6.25 -1.27
CA ILE A 80 -11.28 5.48 -2.48
C ILE A 80 -9.80 5.30 -2.76
N ASN A 81 -9.41 4.02 -2.88
CA ASN A 81 -8.03 3.59 -3.06
C ASN A 81 -7.44 3.99 -4.42
N SER A 82 -6.14 3.84 -4.58
CA SER A 82 -5.51 4.04 -5.89
C SER A 82 -5.76 2.82 -6.76
N ASN A 83 -6.30 1.77 -6.14
CA ASN A 83 -6.62 0.53 -6.83
C ASN A 83 -8.08 0.56 -7.25
N GLY A 84 -8.72 1.69 -7.00
CA GLY A 84 -10.12 1.87 -7.31
C GLY A 84 -11.00 1.19 -6.28
N SER A 85 -10.37 0.66 -5.24
CA SER A 85 -11.06 -0.04 -4.15
C SER A 85 -11.84 0.94 -3.29
N ILE A 86 -13.09 0.60 -2.98
CA ILE A 86 -13.96 1.51 -2.25
C ILE A 86 -14.14 1.12 -0.78
N CYS A 87 -14.02 2.11 0.11
CA CYS A 87 -14.32 1.91 1.51
C CYS A 87 -15.74 2.35 1.82
N LEU A 88 -16.67 1.40 1.75
CA LEU A 88 -18.07 1.66 1.99
C LEU A 88 -18.66 0.59 2.89
N ASP A 89 -19.39 1.01 3.92
CA ASP A 89 -19.96 0.07 4.89
C ASP A 89 -20.85 -0.99 4.23
N ILE A 90 -21.79 -0.57 3.39
CA ILE A 90 -22.75 -1.49 2.80
C ILE A 90 -22.12 -2.49 1.82
N LEU A 91 -20.85 -2.27 1.48
CA LEU A 91 -20.13 -3.20 0.64
C LEU A 91 -19.33 -4.19 1.48
N ARG A 92 -19.37 -4.01 2.79
CA ARG A 92 -18.66 -4.91 3.69
C ARG A 92 -19.55 -5.52 4.76
N SER A 93 -19.78 -4.78 5.85
CA SER A 93 -20.43 -5.37 7.01
C SER A 93 -21.88 -4.92 7.17
N GLN A 94 -22.24 -3.82 6.51
CA GLN A 94 -23.61 -3.34 6.55
C GLN A 94 -24.38 -3.87 5.35
N TRP A 95 -23.80 -4.85 4.65
CA TRP A 95 -24.48 -5.44 3.50
C TRP A 95 -25.69 -6.25 3.93
N SER A 96 -26.63 -6.39 3.01
CA SER A 96 -27.82 -7.21 3.21
C SER A 96 -28.45 -7.50 1.86
N PRO A 97 -29.15 -8.65 1.74
CA PRO A 97 -29.80 -9.05 0.48
C PRO A 97 -30.76 -8.01 -0.09
N ALA A 98 -31.28 -7.14 0.76
CA ALA A 98 -32.17 -6.10 0.28
C ALA A 98 -31.46 -5.14 -0.66
N LEU A 99 -30.21 -4.82 -0.33
CA LEU A 99 -29.46 -3.86 -1.12
C LEU A 99 -29.27 -4.33 -2.55
N THR A 100 -29.32 -3.38 -3.48
CA THR A 100 -29.16 -3.69 -4.88
C THR A 100 -28.10 -2.79 -5.48
N ILE A 101 -27.65 -3.12 -6.68
CA ILE A 101 -26.64 -2.35 -7.37
C ILE A 101 -27.13 -0.91 -7.55
N SER A 102 -28.42 -0.74 -7.80
CA SER A 102 -29.01 0.59 -7.90
C SER A 102 -28.71 1.38 -6.62
N LYS A 103 -29.03 0.76 -5.48
CA LYS A 103 -28.84 1.35 -4.17
C LYS A 103 -27.35 1.52 -3.83
N VAL A 104 -26.52 0.62 -4.33
CA VAL A 104 -25.08 0.69 -4.11
C VAL A 104 -24.45 1.86 -4.86
N LEU A 105 -24.81 2.01 -6.13
CA LEU A 105 -24.34 3.13 -6.95
C LEU A 105 -24.79 4.45 -6.33
N LEU A 106 -26.08 4.52 -5.99
CA LEU A 106 -26.62 5.73 -5.36
C LEU A 106 -25.83 6.05 -4.09
N SER A 107 -25.49 5.01 -3.34
CA SER A 107 -24.72 5.18 -2.12
C SER A 107 -23.28 5.67 -2.40
N ILE A 108 -22.71 5.22 -3.50
CA ILE A 108 -21.34 5.61 -3.87
C ILE A 108 -21.34 7.07 -4.30
N CYS A 109 -22.39 7.48 -5.00
CA CYS A 109 -22.57 8.88 -5.36
C CYS A 109 -22.66 9.72 -4.10
N SER A 110 -23.44 9.25 -3.14
CA SER A 110 -23.55 9.96 -1.87
C SER A 110 -22.18 10.03 -1.19
N LEU A 111 -21.37 9.01 -1.41
CA LEU A 111 -20.02 8.96 -0.84
C LEU A 111 -19.08 9.95 -1.53
N LEU A 112 -19.35 10.25 -2.80
CA LEU A 112 -18.56 11.24 -3.51
C LEU A 112 -18.99 12.64 -3.07
N CYS A 113 -20.29 12.81 -2.84
CA CYS A 113 -20.81 14.08 -2.35
C CYS A 113 -20.31 14.36 -0.95
N ASP A 114 -20.39 13.36 -0.08
CA ASP A 114 -20.05 13.55 1.32
C ASP A 114 -19.24 12.39 1.88
N PRO A 115 -17.90 12.45 1.73
CA PRO A 115 -16.95 11.44 2.20
C PRO A 115 -16.97 11.21 3.72
N ASN A 116 -16.43 10.07 4.15
CA ASN A 116 -16.26 9.78 5.58
C ASN A 116 -14.78 9.71 5.96
N PRO A 117 -14.21 10.84 6.40
CA PRO A 117 -12.79 10.93 6.74
C PRO A 117 -12.44 10.13 8.00
N ASP A 118 -13.43 9.87 8.85
CA ASP A 118 -13.20 9.14 10.10
C ASP A 118 -12.79 7.70 9.85
N ASP A 119 -13.12 7.18 8.69
CA ASP A 119 -12.70 5.86 8.30
C ASP A 119 -12.13 5.97 6.89
N PRO A 120 -10.89 6.49 6.81
CA PRO A 120 -10.21 6.80 5.56
C PRO A 120 -9.63 5.58 4.88
N LEU A 121 -9.59 5.61 3.56
CA LEU A 121 -8.93 4.56 2.83
C LEU A 121 -7.62 5.15 2.32
N VAL A 122 -7.57 6.48 2.25
CA VAL A 122 -6.35 7.20 1.92
C VAL A 122 -6.08 8.27 2.98
N PRO A 123 -5.36 7.89 4.05
CA PRO A 123 -5.07 8.70 5.24
C PRO A 123 -4.73 10.15 4.93
N GLU A 124 -3.83 10.37 3.98
CA GLU A 124 -3.37 11.70 3.63
C GLU A 124 -4.48 12.55 3.02
N ILE A 125 -5.26 11.96 2.12
CA ILE A 125 -6.37 12.67 1.51
C ILE A 125 -7.44 13.01 2.56
N ALA A 126 -7.64 12.11 3.51
CA ALA A 126 -8.56 12.36 4.62
C ALA A 126 -8.06 13.51 5.51
N ARG A 127 -6.76 13.52 5.78
CA ARG A 127 -6.18 14.56 6.63
C ARG A 127 -6.31 15.90 5.96
N ILE A 128 -6.00 15.95 4.67
CA ILE A 128 -6.18 17.19 3.91
C ILE A 128 -7.67 17.55 3.87
N TYR A 129 -8.52 16.54 3.83
CA TYR A 129 -9.96 16.75 3.76
C TYR A 129 -10.50 17.37 5.04
N LYS A 130 -9.80 17.16 6.15
CA LYS A 130 -10.22 17.80 7.38
C LYS A 130 -9.13 18.66 7.97
N THR A 131 -8.39 19.32 7.10
CA THR A 131 -7.54 20.44 7.51
C THR A 131 -7.59 21.56 6.46
N ASP A 132 -7.57 21.17 5.18
CA ASP A 132 -7.53 22.11 4.07
C ASP A 132 -8.58 21.77 3.02
N ARG A 133 -9.85 22.02 3.34
CA ARG A 133 -10.96 21.68 2.45
C ARG A 133 -10.81 22.27 1.05
N GLU A 134 -10.27 23.49 0.96
CA GLU A 134 -9.94 24.11 -0.33
C GLU A 134 -8.94 23.29 -1.15
N LYS A 135 -7.90 22.79 -0.50
CA LYS A 135 -6.88 22.01 -1.19
C LYS A 135 -7.49 20.72 -1.72
N TYR A 136 -8.33 20.10 -0.89
CA TYR A 136 -9.05 18.89 -1.25
C TYR A 136 -9.93 19.12 -2.48
N ASN A 137 -10.84 20.10 -2.37
CA ASN A 137 -11.73 20.45 -3.47
C ASN A 137 -10.96 20.75 -4.77
N ARG A 138 -9.88 21.50 -4.62
CA ARG A 138 -9.06 21.90 -5.75
C ARG A 138 -8.48 20.70 -6.48
N ILE A 139 -7.73 19.89 -5.73
CA ILE A 139 -7.10 18.71 -6.31
C ILE A 139 -8.15 17.77 -6.90
N ALA A 140 -9.26 17.61 -6.20
CA ALA A 140 -10.36 16.77 -6.68
C ALA A 140 -10.84 17.24 -8.05
N ARG A 141 -10.99 18.54 -8.20
CA ARG A 141 -11.36 19.11 -9.49
C ARG A 141 -10.31 18.79 -10.55
N GLU A 142 -9.04 18.92 -10.18
CA GLU A 142 -7.97 18.69 -11.15
C GLU A 142 -7.93 17.24 -11.64
N TRP A 143 -8.05 16.32 -10.70
CA TRP A 143 -8.06 14.88 -10.99
C TRP A 143 -9.33 14.51 -11.74
N THR A 144 -10.38 15.28 -11.52
CA THR A 144 -11.63 15.13 -12.25
C THR A 144 -11.39 15.55 -13.69
N GLN A 145 -10.44 16.48 -13.89
CA GLN A 145 -10.17 17.03 -15.21
C GLN A 145 -9.12 16.23 -16.02
N LYS A 146 -8.25 15.47 -15.36
CA LYS A 146 -7.22 14.76 -16.12
C LYS A 146 -7.48 13.26 -16.34
N TYR A 147 -8.55 12.75 -15.73
CA TYR A 147 -8.87 11.33 -15.83
C TYR A 147 -10.33 11.03 -16.20
N ALA A 148 -11.26 11.82 -15.68
CA ALA A 148 -12.68 11.56 -15.88
C ALA A 148 -13.21 11.99 -17.25
N MET A 149 -13.13 13.27 -17.53
CA MET A 149 -13.63 13.86 -18.77
C MET A 149 -12.66 13.73 -19.94
N GLY B 1 26.61 27.33 10.20
CA GLY B 1 27.21 26.10 9.72
C GLY B 1 26.37 24.88 10.08
N SER B 2 27.02 23.79 10.46
CA SER B 2 26.30 22.59 10.84
C SER B 2 25.85 22.74 12.29
N MET B 3 24.66 23.29 12.48
CA MET B 3 24.07 23.35 13.80
C MET B 3 23.49 21.98 14.07
N ALA B 4 23.15 21.32 12.97
CA ALA B 4 22.56 19.99 13.02
C ALA B 4 23.53 19.02 13.63
N LEU B 5 24.81 19.13 13.25
CA LEU B 5 25.82 18.20 13.74
C LEU B 5 26.08 18.37 15.23
N LYS B 6 26.17 19.62 15.66
CA LYS B 6 26.46 19.93 17.05
C LYS B 6 25.26 19.57 17.96
N ARG B 7 24.05 19.83 17.47
CA ARG B 7 22.81 19.44 18.16
C ARG B 7 22.67 17.93 18.26
N ILE B 8 22.96 17.23 17.16
CA ILE B 8 22.91 15.77 17.13
C ILE B 8 23.93 15.17 18.07
N HIS B 9 25.07 15.85 18.19
CA HIS B 9 26.16 15.36 19.01
C HIS B 9 25.85 15.56 20.50
N LYS B 10 25.26 16.69 20.85
CA LYS B 10 24.88 16.93 22.24
C LYS B 10 23.69 16.06 22.63
N GLU B 11 22.83 15.82 21.66
CA GLU B 11 21.69 14.95 21.90
C GLU B 11 22.21 13.56 22.13
N LEU B 12 23.28 13.23 21.41
CA LEU B 12 23.91 11.94 21.58
C LEU B 12 24.49 11.83 22.97
N ASN B 13 25.11 12.89 23.49
CA ASN B 13 25.58 12.81 24.87
C ASN B 13 24.49 12.65 25.92
N ASP B 14 23.40 13.43 25.79
CA ASP B 14 22.30 13.29 26.73
C ASP B 14 21.65 11.91 26.62
N LEU B 15 21.73 11.31 25.44
CA LEU B 15 21.15 9.99 25.24
C LEU B 15 22.03 8.85 25.72
N ALA B 16 23.36 8.97 25.67
CA ALA B 16 24.16 7.86 26.18
C ALA B 16 24.55 8.03 27.63
N ARG B 17 24.15 9.14 28.25
CA ARG B 17 24.40 9.22 29.68
C ARG B 17 23.07 9.18 30.46
N ASP B 18 21.97 9.60 29.84
CA ASP B 18 20.68 9.31 30.47
C ASP B 18 19.65 8.84 29.45
N PRO B 19 19.79 7.58 28.99
CA PRO B 19 18.87 6.96 28.02
C PRO B 19 17.50 6.73 28.63
N PRO B 20 16.44 6.84 27.82
CA PRO B 20 15.07 6.64 28.30
C PRO B 20 14.90 5.20 28.77
N ALA B 21 13.92 4.94 29.63
CA ALA B 21 13.70 3.58 30.09
C ALA B 21 13.37 2.68 28.90
N GLN B 22 14.21 1.67 28.69
CA GLN B 22 14.03 0.67 27.64
C GLN B 22 14.12 1.16 26.22
N CYS B 23 14.80 2.29 26.01
CA CYS B 23 14.98 2.81 24.67
C CYS B 23 16.38 3.37 24.49
N SER B 24 16.96 3.19 23.31
CA SER B 24 18.28 3.78 23.06
C SER B 24 18.51 3.98 21.57
N ALA B 25 19.41 4.88 21.20
CA ALA B 25 19.70 5.08 19.79
C ALA B 25 21.12 5.59 19.60
N GLY B 26 21.67 5.36 18.41
CA GLY B 26 22.96 5.91 18.05
C GLY B 26 23.46 5.41 16.71
N PRO B 27 24.50 6.06 16.18
CA PRO B 27 25.08 5.66 14.89
C PRO B 27 25.90 4.37 14.97
N VAL B 28 25.37 3.25 14.51
CA VAL B 28 26.20 2.06 14.40
C VAL B 28 27.02 2.17 13.10
N GLY B 29 26.35 2.10 11.94
CA GLY B 29 26.95 2.61 10.72
C GLY B 29 27.16 4.06 11.10
N ASP B 30 28.40 4.52 11.14
CA ASP B 30 28.68 5.76 11.86
C ASP B 30 28.53 7.08 11.13
N ASP B 31 27.38 7.28 10.51
CA ASP B 31 27.07 8.63 10.04
C ASP B 31 26.35 9.25 11.21
N MET B 32 26.52 10.55 11.43
CA MET B 32 25.86 11.20 12.56
C MET B 32 24.45 11.60 12.18
N PHE B 33 24.19 11.62 10.88
CA PHE B 33 22.87 11.95 10.40
C PHE B 33 22.11 10.66 10.20
N HIS B 34 22.79 9.55 10.44
CA HIS B 34 22.19 8.24 10.32
C HIS B 34 22.33 7.43 11.62
N TRP B 35 21.21 7.23 12.29
CA TRP B 35 21.15 6.52 13.56
C TRP B 35 20.34 5.24 13.48
N GLN B 36 20.54 4.39 14.47
CA GLN B 36 19.73 3.19 14.61
C GLN B 36 19.17 3.21 16.03
N ALA B 37 17.89 2.86 16.16
CA ALA B 37 17.22 2.91 17.45
C ALA B 37 16.73 1.54 17.87
N THR B 38 16.61 1.37 19.19
CA THR B 38 16.09 0.15 19.76
C THR B 38 15.03 0.51 20.78
N ILE B 39 13.84 -0.04 20.54
CA ILE B 39 12.70 0.10 21.41
C ILE B 39 12.26 -1.26 21.90
N MET B 40 12.19 -1.45 23.21
CA MET B 40 11.61 -2.68 23.69
C MET B 40 10.11 -2.45 23.78
N GLY B 41 9.34 -3.36 23.21
CA GLY B 41 7.90 -3.29 23.28
C GLY B 41 7.42 -3.15 24.71
N PRO B 42 6.54 -2.18 24.98
CA PRO B 42 5.98 -1.92 26.32
C PRO B 42 5.20 -3.12 26.87
N ASN B 43 5.19 -3.30 28.18
CA ASN B 43 4.51 -4.44 28.76
C ASN B 43 3.02 -4.24 28.72
N ASP B 44 2.58 -2.98 28.68
CA ASP B 44 1.17 -2.65 28.61
C ASP B 44 0.72 -2.57 27.15
N SER B 45 0.95 -3.64 26.40
CA SER B 45 0.65 -3.67 24.96
C SER B 45 0.87 -5.07 24.43
N PRO B 46 0.25 -5.41 23.28
CA PRO B 46 0.51 -6.74 22.71
C PRO B 46 1.95 -6.89 22.23
N TYR B 47 2.72 -5.81 22.31
CA TYR B 47 4.13 -5.86 21.97
C TYR B 47 4.92 -5.93 23.26
N GLN B 48 5.00 -7.08 23.92
CA GLN B 48 5.83 -7.12 25.12
C GLN B 48 6.95 -8.13 25.01
N GLY B 49 8.11 -7.77 25.53
CA GLY B 49 9.29 -8.61 25.45
C GLY B 49 9.97 -8.53 24.10
N GLY B 50 9.27 -7.94 23.14
CA GLY B 50 9.79 -7.81 21.78
C GLY B 50 10.80 -6.70 21.63
N VAL B 51 11.80 -6.93 20.78
CA VAL B 51 12.83 -5.93 20.52
C VAL B 51 12.69 -5.38 19.11
N PHE B 52 12.39 -4.09 19.01
CA PHE B 52 12.13 -3.47 17.72
C PHE B 52 13.23 -2.50 17.32
N PHE B 53 13.63 -2.59 16.06
CA PHE B 53 14.67 -1.71 15.55
C PHE B 53 14.13 -0.67 14.61
N LEU B 54 14.75 0.51 14.66
CA LEU B 54 14.32 1.63 13.84
C LEU B 54 15.52 2.30 13.20
N THR B 55 15.27 3.03 12.12
CA THR B 55 16.28 3.88 11.52
C THR B 55 15.88 5.32 11.71
N ILE B 56 16.89 6.17 11.89
CA ILE B 56 16.67 7.60 12.07
C ILE B 56 17.57 8.39 11.12
N HIS B 57 16.95 9.16 10.24
CA HIS B 57 17.69 10.03 9.34
C HIS B 57 17.45 11.49 9.68
N PHE B 58 18.52 12.15 10.14
CA PHE B 58 18.43 13.56 10.48
C PHE B 58 18.51 14.41 9.24
N PRO B 59 17.60 15.40 9.14
CA PRO B 59 17.65 16.32 8.00
C PRO B 59 18.85 17.23 8.16
N THR B 60 19.35 17.77 7.06
CA THR B 60 20.50 18.67 7.09
C THR B 60 20.24 19.91 7.94
N ASP B 61 18.96 20.25 8.15
CA ASP B 61 18.63 21.41 8.93
C ASP B 61 18.01 21.08 10.28
N TYR B 62 18.34 19.91 10.81
CA TYR B 62 17.85 19.49 12.12
C TYR B 62 18.48 20.47 13.11
N PRO B 63 17.83 20.77 14.24
CA PRO B 63 16.57 20.42 14.90
C PRO B 63 15.36 21.18 14.38
N PHE B 64 15.54 22.05 13.39
CA PHE B 64 14.43 22.88 12.92
C PHE B 64 13.49 22.09 11.99
N LYS B 65 13.88 20.86 11.69
CA LYS B 65 13.05 19.92 10.94
C LYS B 65 13.03 18.55 11.62
N PRO B 66 11.88 17.86 11.55
CA PRO B 66 11.68 16.56 12.21
C PRO B 66 12.63 15.50 11.69
N PRO B 67 13.02 14.55 12.55
CA PRO B 67 13.83 13.42 12.11
C PRO B 67 12.97 12.46 11.32
N LYS B 68 13.47 11.93 10.21
CA LYS B 68 12.71 10.91 9.50
C LYS B 68 12.97 9.58 10.19
N VAL B 69 11.96 9.05 10.87
CA VAL B 69 12.12 7.83 11.67
C VAL B 69 11.24 6.68 11.16
N ALA B 70 11.79 5.49 11.04
CA ALA B 70 10.96 4.35 10.59
C ALA B 70 11.35 3.02 11.23
N PHE B 71 10.39 2.10 11.34
CA PHE B 71 10.68 0.77 11.89
C PHE B 71 11.39 -0.10 10.87
N THR B 72 12.32 -0.94 11.33
CA THR B 72 12.98 -1.90 10.47
C THR B 72 12.34 -3.27 10.65
N THR B 73 12.10 -3.62 11.90
CA THR B 73 11.42 -4.86 12.22
C THR B 73 9.95 -4.72 11.85
N ARG B 74 9.37 -5.78 11.30
CA ARG B 74 7.96 -5.72 10.93
C ARG B 74 7.12 -5.66 12.19
N ILE B 75 6.00 -4.96 12.13
CA ILE B 75 5.18 -4.72 13.32
C ILE B 75 3.71 -4.52 12.94
N TYR B 76 2.82 -5.07 13.76
CA TYR B 76 1.38 -5.00 13.49
C TYR B 76 0.71 -3.86 14.26
N HIS B 77 0.56 -2.70 13.62
CA HIS B 77 0.04 -1.52 14.31
C HIS B 77 -0.70 -0.58 13.35
N PRO B 78 -1.84 -0.03 13.78
CA PRO B 78 -2.68 0.84 12.94
C PRO B 78 -1.98 2.09 12.37
N ASN B 79 -1.03 2.67 13.09
CA ASN B 79 -0.38 3.90 12.61
C ASN B 79 1.00 3.65 12.03
N ILE B 80 1.35 2.38 11.83
CA ILE B 80 2.66 2.06 11.26
C ILE B 80 2.56 1.23 9.99
N ASN B 81 3.15 1.74 8.91
CA ASN B 81 3.11 1.15 7.59
C ASN B 81 3.82 -0.20 7.47
N SER B 82 3.64 -0.85 6.32
CA SER B 82 4.40 -2.05 6.00
C SER B 82 5.81 -1.67 5.59
N ASN B 83 6.02 -0.38 5.41
CA ASN B 83 7.34 0.15 5.06
C ASN B 83 8.03 0.61 6.34
N GLY B 84 7.38 0.36 7.47
CA GLY B 84 7.89 0.77 8.77
C GLY B 84 7.66 2.24 9.03
N SER B 85 6.92 2.89 8.15
CA SER B 85 6.64 4.31 8.26
C SER B 85 5.67 4.59 9.41
N ILE B 86 5.98 5.59 10.20
CA ILE B 86 5.17 5.93 11.37
C ILE B 86 4.30 7.13 11.11
N CYS B 87 3.01 7.03 11.41
CA CYS B 87 2.14 8.18 11.28
C CYS B 87 1.95 8.84 12.64
N LEU B 88 2.76 9.85 12.90
CA LEU B 88 2.73 10.56 14.17
C LEU B 88 2.81 12.08 13.91
N ASP B 89 1.94 12.84 14.58
CA ASP B 89 1.86 14.29 14.38
C ASP B 89 3.19 15.01 14.60
N ILE B 90 3.87 14.70 15.71
CA ILE B 90 5.10 15.38 16.09
C ILE B 90 6.22 15.09 15.10
N LEU B 91 5.99 14.13 14.21
CA LEU B 91 6.97 13.83 13.18
C LEU B 91 6.62 14.59 11.91
N ARG B 92 5.52 15.36 11.94
CA ARG B 92 5.14 16.16 10.77
C ARG B 92 5.00 17.67 11.04
N SER B 93 3.85 18.11 11.54
CA SER B 93 3.58 19.55 11.62
C SER B 93 3.63 20.08 13.06
N GLN B 94 3.57 19.17 14.03
CA GLN B 94 3.67 19.53 15.45
C GLN B 94 5.09 19.44 15.99
N TRP B 95 6.06 19.33 15.09
CA TRP B 95 7.45 19.29 15.49
C TRP B 95 7.88 20.68 15.95
N SER B 96 8.96 20.73 16.72
CA SER B 96 9.58 21.98 17.14
C SER B 96 10.99 21.63 17.59
N PRO B 97 11.93 22.58 17.47
CA PRO B 97 13.33 22.35 17.87
C PRO B 97 13.48 21.84 19.30
N ALA B 98 12.45 22.06 20.11
CA ALA B 98 12.44 21.62 21.50
C ALA B 98 12.50 20.09 21.63
N LEU B 99 11.75 19.40 20.77
CA LEU B 99 11.68 17.94 20.78
C LEU B 99 13.02 17.26 20.50
N THR B 100 13.24 16.11 21.12
CA THR B 100 14.49 15.37 20.92
C THR B 100 14.19 13.91 20.60
N ILE B 101 15.20 13.16 20.17
CA ILE B 101 15.06 11.75 19.84
C ILE B 101 14.56 10.97 21.04
N SER B 102 15.00 11.39 22.22
CA SER B 102 14.54 10.79 23.45
C SER B 102 13.02 10.84 23.55
N LYS B 103 12.47 12.03 23.44
CA LYS B 103 11.02 12.21 23.52
C LYS B 103 10.28 11.60 22.33
N VAL B 104 10.93 11.56 21.17
CA VAL B 104 10.30 10.97 19.99
C VAL B 104 10.12 9.47 20.26
N LEU B 105 11.18 8.86 20.77
CA LEU B 105 11.15 7.45 21.12
C LEU B 105 10.07 7.17 22.17
N LEU B 106 10.04 7.96 23.25
CA LEU B 106 9.00 7.77 24.27
C LEU B 106 7.58 7.93 23.70
N SER B 107 7.43 8.90 22.80
CA SER B 107 6.15 9.14 22.14
C SER B 107 5.73 7.95 21.29
N ILE B 108 6.72 7.30 20.67
CA ILE B 108 6.48 6.12 19.84
C ILE B 108 6.07 4.93 20.70
N CYS B 109 6.71 4.78 21.86
CA CYS B 109 6.33 3.75 22.82
C CYS B 109 4.89 3.96 23.26
N SER B 110 4.57 5.22 23.55
CA SER B 110 3.21 5.56 23.93
C SER B 110 2.25 5.22 22.80
N LEU B 111 2.73 5.36 21.57
CA LEU B 111 1.92 5.06 20.38
C LEU B 111 1.71 3.55 20.27
N LEU B 112 2.64 2.77 20.80
CA LEU B 112 2.47 1.34 20.79
C LEU B 112 1.50 0.92 21.89
N CYS B 113 1.56 1.62 23.01
CA CYS B 113 0.64 1.39 24.13
C CYS B 113 -0.79 1.75 23.77
N ASP B 114 -0.94 2.88 23.09
CA ASP B 114 -2.25 3.44 22.74
C ASP B 114 -2.28 3.95 21.31
N PRO B 115 -2.64 3.07 20.36
CA PRO B 115 -2.70 3.45 18.94
C PRO B 115 -3.64 4.62 18.69
N ASN B 116 -3.47 5.29 17.56
CA ASN B 116 -4.29 6.44 17.20
C ASN B 116 -5.24 6.16 16.03
N PRO B 117 -6.48 5.77 16.33
CA PRO B 117 -7.47 5.45 15.29
C PRO B 117 -7.91 6.68 14.52
N ASP B 118 -7.79 7.84 15.15
CA ASP B 118 -8.20 9.11 14.54
C ASP B 118 -7.28 9.51 13.40
N ASP B 119 -6.06 9.01 13.41
CA ASP B 119 -5.15 9.25 12.30
C ASP B 119 -4.42 7.96 11.90
N PRO B 120 -5.14 7.06 11.21
CA PRO B 120 -4.65 5.73 10.80
C PRO B 120 -3.79 5.77 9.54
N LEU B 121 -2.80 4.89 9.47
CA LEU B 121 -1.99 4.74 8.27
C LEU B 121 -2.25 3.45 7.50
N VAL B 122 -2.79 2.44 8.17
CA VAL B 122 -3.10 1.16 7.54
C VAL B 122 -4.56 0.78 7.78
N PRO B 123 -5.45 1.21 6.88
CA PRO B 123 -6.92 1.09 6.96
C PRO B 123 -7.42 -0.24 7.51
N GLU B 124 -6.87 -1.34 7.01
CA GLU B 124 -7.34 -2.67 7.34
C GLU B 124 -7.10 -2.97 8.82
N ILE B 125 -5.90 -2.64 9.28
CA ILE B 125 -5.52 -2.86 10.67
C ILE B 125 -6.31 -1.94 11.60
N ALA B 126 -6.56 -0.70 11.16
CA ALA B 126 -7.35 0.23 11.96
C ALA B 126 -8.76 -0.32 12.16
N ARG B 127 -9.30 -0.90 11.08
CA ARG B 127 -10.65 -1.45 11.13
C ARG B 127 -10.69 -2.66 12.06
N ILE B 128 -9.67 -3.51 12.00
CA ILE B 128 -9.62 -4.60 12.97
C ILE B 128 -9.51 -4.07 14.40
N TYR B 129 -8.79 -2.97 14.56
CA TYR B 129 -8.56 -2.37 15.87
C TYR B 129 -9.81 -1.77 16.47
N LYS B 130 -10.77 -1.41 15.63
CA LYS B 130 -12.03 -0.94 16.19
C LYS B 130 -13.30 -1.64 15.67
N THR B 131 -13.21 -2.95 15.44
CA THR B 131 -14.37 -3.82 15.30
C THR B 131 -14.07 -5.11 16.06
N ASP B 132 -12.85 -5.58 15.91
CA ASP B 132 -12.40 -6.83 16.52
C ASP B 132 -11.07 -6.64 17.26
N ARG B 133 -11.11 -5.88 18.35
CA ARG B 133 -9.92 -5.54 19.14
C ARG B 133 -9.12 -6.74 19.64
N GLU B 134 -9.83 -7.78 20.04
CA GLU B 134 -9.21 -9.03 20.46
C GLU B 134 -8.35 -9.59 19.34
N LYS B 135 -8.87 -9.52 18.12
CA LYS B 135 -8.13 -9.98 16.94
C LYS B 135 -6.89 -9.13 16.77
N TYR B 136 -7.02 -7.83 16.99
CA TYR B 136 -5.85 -6.94 16.94
C TYR B 136 -4.78 -7.36 17.95
N ASN B 137 -5.14 -7.45 19.23
CA ASN B 137 -4.18 -7.86 20.25
C ASN B 137 -3.52 -9.19 19.92
N ARG B 138 -4.32 -10.13 19.45
CA ARG B 138 -3.81 -11.45 19.10
C ARG B 138 -2.77 -11.36 17.98
N ILE B 139 -3.18 -10.81 16.84
CA ILE B 139 -2.29 -10.71 15.68
C ILE B 139 -1.03 -9.90 15.98
N ALA B 140 -1.17 -8.78 16.68
CA ALA B 140 -0.03 -7.96 17.07
C ALA B 140 0.95 -8.76 17.93
N ARG B 141 0.41 -9.53 18.88
CA ARG B 141 1.25 -10.38 19.72
C ARG B 141 2.03 -11.38 18.86
N GLU B 142 1.33 -11.99 17.90
CA GLU B 142 1.97 -12.97 17.03
C GLU B 142 3.04 -12.34 16.15
N TRP B 143 2.79 -11.12 15.64
CA TRP B 143 3.79 -10.42 14.84
C TRP B 143 5.01 -10.05 15.67
N THR B 144 4.82 -9.83 16.97
CA THR B 144 5.96 -9.61 17.84
C THR B 144 6.71 -10.93 18.00
N GLN B 145 5.99 -12.04 17.85
CA GLN B 145 6.62 -13.36 18.01
C GLN B 145 7.29 -13.89 16.74
N LYS B 146 6.87 -13.43 15.57
CA LYS B 146 7.45 -13.90 14.31
C LYS B 146 8.46 -12.93 13.71
N TYR B 147 8.52 -11.71 14.25
CA TYR B 147 9.37 -10.68 13.66
C TYR B 147 10.23 -9.96 14.69
N ALA B 148 9.67 -9.70 15.86
CA ALA B 148 10.42 -8.98 16.89
C ALA B 148 11.39 -9.94 17.56
N MET B 149 12.61 -9.45 17.74
CA MET B 149 13.71 -10.22 18.30
C MET B 149 13.69 -10.29 19.83
N GLY C 1 -7.02 3.29 -43.37
CA GLY C 1 -6.55 4.46 -44.11
C GLY C 1 -5.51 5.23 -43.31
N SER C 2 -5.00 6.31 -43.90
CA SER C 2 -4.01 7.15 -43.25
C SER C 2 -4.71 8.12 -42.30
N MET C 3 -5.49 7.56 -41.39
CA MET C 3 -6.17 8.32 -40.35
C MET C 3 -5.11 8.66 -39.32
N ALA C 4 -4.05 7.85 -39.32
CA ALA C 4 -2.95 8.03 -38.39
C ALA C 4 -2.29 9.38 -38.59
N LEU C 5 -2.12 9.79 -39.84
CA LEU C 5 -1.47 11.07 -40.14
C LEU C 5 -2.28 12.29 -39.68
N LYS C 6 -3.57 12.28 -39.95
CA LYS C 6 -4.43 13.39 -39.57
C LYS C 6 -4.59 13.46 -38.05
N ARG C 7 -4.69 12.29 -37.43
CA ARG C 7 -4.78 12.20 -35.98
C ARG C 7 -3.48 12.72 -35.34
N ILE C 8 -2.34 12.33 -35.88
CA ILE C 8 -1.05 12.78 -35.38
C ILE C 8 -0.90 14.30 -35.56
N HIS C 9 -1.44 14.86 -36.64
CA HIS C 9 -1.36 16.30 -36.84
C HIS C 9 -2.27 17.06 -35.90
N LYS C 10 -3.45 16.50 -35.63
CA LYS C 10 -4.39 17.12 -34.72
C LYS C 10 -3.87 17.07 -33.29
N GLU C 11 -3.17 15.99 -32.96
CA GLU C 11 -2.56 15.87 -31.64
C GLU C 11 -1.38 16.82 -31.49
N LEU C 12 -0.63 16.98 -32.57
CA LEU C 12 0.52 17.89 -32.58
C LEU C 12 0.06 19.34 -32.39
N ASN C 13 -1.03 19.71 -33.03
CA ASN C 13 -1.60 21.03 -32.82
C ASN C 13 -2.14 21.15 -31.40
N ASP C 14 -2.75 20.09 -30.89
CA ASP C 14 -3.26 20.07 -29.51
C ASP C 14 -2.15 20.21 -28.48
N LEU C 15 -0.95 19.76 -28.83
CA LEU C 15 0.21 19.87 -27.94
C LEU C 15 0.76 21.27 -28.01
N ALA C 16 0.56 21.88 -29.16
CA ALA C 16 1.07 23.21 -29.43
C ALA C 16 0.10 24.28 -28.96
N ARG C 17 -1.03 23.85 -28.41
CA ARG C 17 -2.02 24.79 -27.94
C ARG C 17 -2.21 24.79 -26.42
N ASP C 18 -2.13 23.60 -25.82
CA ASP C 18 -2.12 23.48 -24.37
C ASP C 18 -1.04 22.47 -23.98
N PRO C 19 0.23 22.89 -24.03
CA PRO C 19 1.38 22.03 -23.78
C PRO C 19 1.46 21.52 -22.35
N PRO C 20 1.97 20.29 -22.18
CA PRO C 20 2.14 19.62 -20.89
C PRO C 20 3.21 20.27 -20.04
N ALA C 21 3.09 20.12 -18.71
CA ALA C 21 4.05 20.71 -17.80
C ALA C 21 5.44 20.13 -17.97
N GLN C 22 6.42 20.98 -18.28
CA GLN C 22 7.82 20.57 -18.39
C GLN C 22 8.05 19.49 -19.46
N CYS C 23 7.19 19.46 -20.47
CA CYS C 23 7.36 18.48 -21.52
C CYS C 23 7.14 19.10 -22.89
N SER C 24 7.88 18.62 -23.88
CA SER C 24 7.60 19.06 -25.25
C SER C 24 8.02 17.97 -26.22
N ALA C 25 7.34 17.92 -27.35
CA ALA C 25 7.62 16.90 -28.35
C ALA C 25 7.23 17.39 -29.73
N GLY C 26 7.76 16.75 -30.76
CA GLY C 26 7.37 17.11 -32.10
C GLY C 26 8.11 16.33 -33.16
N PRO C 27 7.70 16.48 -34.43
CA PRO C 27 8.31 15.77 -35.55
C PRO C 27 9.77 16.19 -35.68
N VAL C 28 10.65 15.20 -35.70
CA VAL C 28 12.11 15.36 -35.85
C VAL C 28 12.60 16.60 -36.65
N GLY C 29 12.19 16.84 -37.91
CA GLY C 29 11.56 15.87 -38.78
C GLY C 29 10.59 16.29 -39.85
N ASP C 30 10.37 15.36 -40.78
CA ASP C 30 9.52 15.56 -41.95
C ASP C 30 8.66 14.31 -41.95
N ASP C 31 9.03 13.38 -41.08
CA ASP C 31 8.25 12.19 -40.82
C ASP C 31 7.31 12.54 -39.67
N MET C 32 6.02 12.27 -39.85
CA MET C 32 5.07 12.59 -38.81
C MET C 32 4.95 11.44 -37.83
N PHE C 33 5.43 10.27 -38.25
CA PHE C 33 5.31 9.06 -37.45
C PHE C 33 6.52 8.87 -36.54
N HIS C 34 7.47 9.78 -36.66
CA HIS C 34 8.62 9.77 -35.77
C HIS C 34 8.76 11.11 -35.08
N TRP C 35 8.53 11.10 -33.77
CA TRP C 35 8.60 12.32 -32.97
C TRP C 35 9.77 12.21 -32.01
N GLN C 36 10.20 13.35 -31.49
CA GLN C 36 11.19 13.35 -30.44
C GLN C 36 10.68 14.23 -29.31
N ALA C 37 10.86 13.74 -28.09
CA ALA C 37 10.37 14.42 -26.91
C ALA C 37 11.48 14.78 -25.93
N THR C 38 11.19 15.77 -25.11
CA THR C 38 12.07 16.13 -24.02
C THR C 38 11.22 16.35 -22.76
N ILE C 39 11.67 15.70 -21.69
CA ILE C 39 11.04 15.78 -20.39
C ILE C 39 12.00 16.41 -19.37
N MET C 40 11.55 17.47 -18.72
CA MET C 40 12.32 18.06 -17.63
C MET C 40 11.97 17.39 -16.31
N GLY C 41 13.00 16.97 -15.60
CA GLY C 41 12.82 16.29 -14.34
C GLY C 41 11.92 16.99 -13.34
N PRO C 42 10.94 16.27 -12.80
CA PRO C 42 10.04 16.81 -11.78
C PRO C 42 10.84 17.18 -10.54
N ASN C 43 10.44 18.23 -9.83
CA ASN C 43 11.25 18.72 -8.71
C ASN C 43 11.19 17.98 -7.38
N ASP C 44 10.06 17.35 -7.06
CA ASP C 44 9.97 16.59 -5.83
C ASP C 44 10.30 15.13 -6.16
N SER C 45 11.54 14.94 -6.62
CA SER C 45 12.05 13.66 -7.12
C SER C 45 13.57 13.79 -7.28
N PRO C 46 14.29 12.66 -7.26
CA PRO C 46 15.75 12.72 -7.46
C PRO C 46 16.18 13.14 -8.86
N TYR C 47 15.21 13.29 -9.75
CA TYR C 47 15.45 13.79 -11.10
C TYR C 47 15.01 15.24 -11.19
N GLN C 48 15.78 16.19 -10.68
CA GLN C 48 15.39 17.59 -10.81
C GLN C 48 16.43 18.41 -11.57
N GLY C 49 15.94 19.30 -12.42
CA GLY C 49 16.81 20.13 -13.25
C GLY C 49 17.37 19.39 -14.45
N GLY C 50 17.21 18.08 -14.46
CA GLY C 50 17.71 17.25 -15.53
C GLY C 50 16.83 17.27 -16.76
N VAL C 51 17.46 17.22 -17.93
CA VAL C 51 16.74 17.18 -19.18
C VAL C 51 16.90 15.81 -19.82
N PHE C 52 15.78 15.11 -19.98
CA PHE C 52 15.80 13.75 -20.49
C PHE C 52 15.19 13.71 -21.87
N PHE C 53 15.87 13.05 -22.80
CA PHE C 53 15.38 12.98 -24.17
C PHE C 53 14.74 11.63 -24.49
N LEU C 54 13.71 11.67 -25.32
CA LEU C 54 12.95 10.49 -25.68
C LEU C 54 12.64 10.43 -27.18
N THR C 55 12.40 9.21 -27.67
CA THR C 55 11.95 9.00 -29.04
C THR C 55 10.55 8.39 -29.07
N ILE C 56 9.78 8.76 -30.09
CA ILE C 56 8.40 8.30 -30.23
C ILE C 56 8.12 7.78 -31.65
N HIS C 57 7.74 6.51 -31.74
CA HIS C 57 7.39 5.93 -33.03
C HIS C 57 5.91 5.61 -33.14
N PHE C 58 5.22 6.33 -34.01
CA PHE C 58 3.81 6.06 -34.26
C PHE C 58 3.67 4.88 -35.22
N PRO C 59 2.79 3.93 -34.89
CA PRO C 59 2.50 2.83 -35.81
C PRO C 59 1.67 3.33 -36.98
N THR C 60 1.72 2.63 -38.11
CA THR C 60 0.95 3.03 -39.28
C THR C 60 -0.56 3.03 -39.03
N ASP C 61 -1.00 2.28 -38.02
CA ASP C 61 -2.43 2.22 -37.74
C ASP C 61 -2.78 2.95 -36.45
N TYR C 62 -1.99 3.97 -36.12
CA TYR C 62 -2.24 4.78 -34.94
C TYR C 62 -3.57 5.49 -35.21
N PRO C 63 -4.36 5.81 -34.18
CA PRO C 63 -4.37 5.64 -32.73
C PRO C 63 -4.79 4.26 -32.22
N PHE C 64 -5.01 3.31 -33.11
CA PHE C 64 -5.50 2.01 -32.68
C PHE C 64 -4.40 1.10 -32.14
N LYS C 65 -3.15 1.56 -32.25
CA LYS C 65 -2.02 0.86 -31.65
C LYS C 65 -1.13 1.85 -30.90
N PRO C 66 -0.54 1.40 -29.78
CA PRO C 66 0.27 2.30 -28.94
C PRO C 66 1.50 2.84 -29.64
N PRO C 67 1.87 4.08 -29.34
CA PRO C 67 3.13 4.64 -29.85
C PRO C 67 4.30 4.03 -29.09
N LYS C 68 5.36 3.63 -29.79
CA LYS C 68 6.52 3.10 -29.10
C LYS C 68 7.35 4.24 -28.56
N VAL C 69 7.39 4.38 -27.24
CA VAL C 69 8.07 5.50 -26.62
C VAL C 69 9.27 4.98 -25.83
N ALA C 70 10.43 5.61 -26.03
CA ALA C 70 11.64 5.14 -25.36
C ALA C 70 12.59 6.27 -24.93
N PHE C 71 13.37 6.02 -23.88
CA PHE C 71 14.36 7.00 -23.42
C PHE C 71 15.67 6.94 -24.21
N THR C 72 16.26 8.12 -24.42
CA THR C 72 17.60 8.24 -25.03
C THR C 72 18.61 8.51 -23.92
N THR C 73 18.22 9.40 -23.01
CA THR C 73 19.07 9.70 -21.86
C THR C 73 19.08 8.51 -20.91
N ARG C 74 20.26 8.19 -20.41
CA ARG C 74 20.39 7.08 -19.48
C ARG C 74 19.75 7.48 -18.16
N ILE C 75 19.12 6.54 -17.47
CA ILE C 75 18.39 6.90 -16.26
C ILE C 75 18.27 5.75 -15.26
N TYR C 76 18.37 6.09 -13.98
CA TYR C 76 18.30 5.13 -12.89
C TYR C 76 16.88 5.09 -12.37
N HIS C 77 16.09 4.17 -12.91
CA HIS C 77 14.67 4.10 -12.59
C HIS C 77 14.20 2.66 -12.69
N PRO C 78 13.37 2.24 -11.72
CA PRO C 78 12.86 0.86 -11.61
C PRO C 78 12.07 0.37 -12.83
N ASN C 79 11.36 1.26 -13.51
CA ASN C 79 10.55 0.85 -14.64
C ASN C 79 11.16 1.19 -15.99
N ILE C 80 12.41 1.66 -15.99
CA ILE C 80 13.03 2.04 -17.24
C ILE C 80 14.31 1.27 -17.49
N ASN C 81 14.33 0.58 -18.64
CA ASN C 81 15.44 -0.27 -19.03
C ASN C 81 16.72 0.52 -19.32
N SER C 82 17.82 -0.19 -19.50
CA SER C 82 19.08 0.45 -19.89
C SER C 82 19.04 0.83 -21.36
N ASN C 83 18.05 0.33 -22.08
CA ASN C 83 17.85 0.71 -23.48
C ASN C 83 16.80 1.80 -23.61
N GLY C 84 16.34 2.32 -22.47
CA GLY C 84 15.33 3.36 -22.45
C GLY C 84 13.91 2.90 -22.64
N SER C 85 13.71 1.58 -22.64
CA SER C 85 12.37 1.03 -22.80
C SER C 85 11.57 1.28 -21.53
N ILE C 86 10.34 1.75 -21.69
CA ILE C 86 9.49 2.10 -20.56
C ILE C 86 8.45 1.02 -20.30
N CYS C 87 8.33 0.63 -19.04
CA CYS C 87 7.31 -0.31 -18.63
C CYS C 87 6.12 0.46 -18.05
N LEU C 88 5.15 0.74 -18.91
CA LEU C 88 3.98 1.54 -18.54
C LEU C 88 2.70 0.88 -19.02
N ASP C 89 1.70 0.83 -18.15
CA ASP C 89 0.41 0.19 -18.48
C ASP C 89 -0.27 0.75 -19.75
N ILE C 90 -0.43 2.07 -19.85
CA ILE C 90 -1.13 2.66 -20.99
C ILE C 90 -0.37 2.54 -22.30
N LEU C 91 0.90 2.14 -22.24
CA LEU C 91 1.69 1.91 -23.43
C LEU C 91 1.63 0.45 -23.81
N ARG C 92 0.87 -0.33 -23.03
CA ARG C 92 0.77 -1.76 -23.26
C ARG C 92 -0.66 -2.22 -23.55
N SER C 93 -1.39 -2.52 -22.48
CA SER C 93 -2.71 -3.13 -22.59
C SER C 93 -3.81 -2.16 -22.20
N GLN C 94 -3.42 -1.11 -21.49
CA GLN C 94 -4.39 -0.12 -21.02
C GLN C 94 -4.51 1.04 -22.02
N TRP C 95 -3.95 0.88 -23.20
CA TRP C 95 -4.03 1.90 -24.25
C TRP C 95 -5.43 1.96 -24.86
N SER C 96 -5.74 3.09 -25.47
CA SER C 96 -7.00 3.27 -26.19
C SER C 96 -6.87 4.45 -27.13
N PRO C 97 -7.63 4.44 -28.23
CA PRO C 97 -7.57 5.55 -29.19
C PRO C 97 -7.83 6.89 -28.50
N ALA C 98 -8.51 6.83 -27.35
CA ALA C 98 -8.78 8.00 -26.54
C ALA C 98 -7.50 8.63 -25.99
N LEU C 99 -6.57 7.78 -25.58
CA LEU C 99 -5.30 8.24 -25.03
C LEU C 99 -4.51 8.98 -26.09
N THR C 100 -3.76 9.97 -25.64
CA THR C 100 -2.95 10.81 -26.51
C THR C 100 -1.50 10.87 -26.05
N ILE C 101 -0.63 11.41 -26.90
CA ILE C 101 0.78 11.58 -26.57
C ILE C 101 0.95 12.46 -25.32
N SER C 102 0.07 13.45 -25.20
CA SER C 102 0.04 14.34 -24.04
C SER C 102 -0.09 13.55 -22.73
N LYS C 103 -1.11 12.70 -22.68
CA LYS C 103 -1.39 11.88 -21.51
C LYS C 103 -0.33 10.80 -21.27
N VAL C 104 0.29 10.31 -22.34
CA VAL C 104 1.37 9.33 -22.18
C VAL C 104 2.62 9.99 -21.56
N LEU C 105 3.03 11.14 -22.08
CA LEU C 105 4.18 11.87 -21.50
C LEU C 105 3.94 12.27 -20.05
N LEU C 106 2.78 12.87 -19.79
CA LEU C 106 2.41 13.25 -18.43
C LEU C 106 2.42 12.01 -17.53
N SER C 107 1.98 10.89 -18.09
CA SER C 107 2.00 9.63 -17.36
C SER C 107 3.44 9.25 -17.06
N ILE C 108 4.35 9.60 -17.96
CA ILE C 108 5.76 9.29 -17.75
C ILE C 108 6.33 10.16 -16.63
N CYS C 109 5.91 11.42 -16.58
CA CYS C 109 6.32 12.30 -15.48
C CYS C 109 5.85 11.72 -14.15
N SER C 110 4.60 11.28 -14.14
CA SER C 110 4.04 10.66 -12.96
C SER C 110 4.84 9.40 -12.61
N LEU C 111 5.35 8.74 -13.63
CA LEU C 111 6.14 7.52 -13.45
C LEU C 111 7.52 7.84 -12.87
N LEU C 112 8.03 9.02 -13.15
CA LEU C 112 9.31 9.42 -12.60
C LEU C 112 9.14 9.86 -11.14
N CYS C 113 8.02 10.53 -10.86
CA CYS C 113 7.73 10.98 -9.48
C CYS C 113 7.49 9.83 -8.51
N ASP C 114 6.66 8.88 -8.90
CA ASP C 114 6.32 7.77 -8.02
C ASP C 114 6.31 6.48 -8.82
N PRO C 115 7.48 5.84 -8.93
CA PRO C 115 7.65 4.58 -9.65
C PRO C 115 6.73 3.49 -9.11
N ASN C 116 6.51 2.44 -9.90
CA ASN C 116 5.69 1.32 -9.49
C ASN C 116 6.53 0.07 -9.22
N PRO C 117 6.91 -0.14 -7.95
CA PRO C 117 7.79 -1.24 -7.52
C PRO C 117 7.13 -2.60 -7.70
N ASP C 118 5.80 -2.57 -7.81
CA ASP C 118 4.99 -3.76 -7.95
C ASP C 118 5.25 -4.42 -9.29
N ASP C 119 5.76 -3.63 -10.22
CA ASP C 119 6.13 -4.10 -11.55
C ASP C 119 7.50 -3.61 -12.02
N PRO C 120 8.57 -4.29 -11.59
CA PRO C 120 9.91 -3.84 -11.94
C PRO C 120 10.34 -4.22 -13.36
N LEU C 121 11.12 -3.34 -13.98
CA LEU C 121 11.72 -3.64 -15.27
C LEU C 121 13.21 -3.84 -15.02
N VAL C 122 13.68 -3.25 -13.92
CA VAL C 122 15.06 -3.41 -13.47
C VAL C 122 15.06 -3.87 -12.00
N PRO C 123 15.05 -5.19 -11.79
CA PRO C 123 14.92 -5.86 -10.48
C PRO C 123 15.70 -5.24 -9.32
N GLU C 124 17.00 -5.01 -9.48
CA GLU C 124 17.76 -4.49 -8.34
C GLU C 124 17.36 -3.07 -8.00
N ILE C 125 17.14 -2.23 -9.01
CA ILE C 125 16.74 -0.85 -8.74
C ILE C 125 15.40 -0.85 -8.03
N ALA C 126 14.53 -1.77 -8.40
CA ALA C 126 13.25 -1.92 -7.72
C ALA C 126 13.36 -2.36 -6.27
N ARG C 127 14.22 -3.35 -6.00
CA ARG C 127 14.37 -3.88 -4.65
C ARG C 127 15.09 -2.84 -3.76
N ILE C 128 16.09 -2.18 -4.31
CA ILE C 128 16.77 -1.07 -3.65
C ILE C 128 15.74 0.04 -3.37
N TYR C 129 14.76 0.19 -4.27
CA TYR C 129 13.77 1.26 -4.13
C TYR C 129 12.88 1.00 -2.91
N LYS C 130 12.71 -0.25 -2.53
CA LYS C 130 11.93 -0.55 -1.34
C LYS C 130 12.71 -1.39 -0.33
N THR C 131 13.96 -1.00 -0.16
CA THR C 131 14.68 -1.35 1.03
C THR C 131 15.46 -0.12 1.43
N ASP C 132 16.01 0.60 0.47
CA ASP C 132 16.88 1.71 0.82
C ASP C 132 16.57 2.97 -0.01
N ARG C 133 15.44 3.60 0.29
CA ARG C 133 14.96 4.79 -0.44
C ARG C 133 16.00 5.94 -0.49
N GLU C 134 16.81 6.08 0.57
CA GLU C 134 17.93 7.05 0.62
C GLU C 134 18.88 6.83 -0.53
N LYS C 135 19.22 5.56 -0.72
CA LYS C 135 20.16 5.12 -1.73
C LYS C 135 19.58 5.29 -3.12
N TYR C 136 18.31 4.95 -3.30
CA TYR C 136 17.67 5.15 -4.58
C TYR C 136 17.74 6.62 -4.96
N ASN C 137 17.26 7.49 -4.08
CA ASN C 137 17.30 8.92 -4.32
C ASN C 137 18.70 9.41 -4.67
N ARG C 138 19.71 8.94 -3.93
CA ARG C 138 21.09 9.36 -4.17
C ARG C 138 21.59 8.96 -5.56
N ILE C 139 21.53 7.65 -5.83
CA ILE C 139 22.00 7.12 -7.11
C ILE C 139 21.25 7.72 -8.31
N ALA C 140 19.93 7.83 -8.18
CA ALA C 140 19.11 8.43 -9.22
C ALA C 140 19.59 9.86 -9.47
N ARG C 141 19.87 10.60 -8.40
CA ARG C 141 20.45 11.93 -8.59
C ARG C 141 21.79 11.90 -9.31
N GLU C 142 22.67 10.97 -8.94
CA GLU C 142 23.98 10.94 -9.54
C GLU C 142 23.84 10.68 -11.04
N TRP C 143 22.93 9.77 -11.40
CA TRP C 143 22.68 9.50 -12.81
C TRP C 143 22.06 10.72 -13.50
N THR C 144 21.34 11.52 -12.74
CA THR C 144 20.79 12.76 -13.27
C THR C 144 21.89 13.77 -13.55
N GLN C 145 22.97 13.69 -12.79
CA GLN C 145 24.04 14.65 -12.97
C GLN C 145 25.12 14.23 -13.95
N LYS C 146 25.23 12.92 -14.22
CA LYS C 146 26.28 12.49 -15.13
C LYS C 146 25.73 12.25 -16.53
N TYR C 147 24.39 12.28 -16.68
CA TYR C 147 23.79 11.96 -17.98
C TYR C 147 22.71 12.93 -18.46
N ALA C 148 21.85 13.38 -17.55
CA ALA C 148 20.75 14.25 -17.94
C ALA C 148 21.27 15.67 -18.12
N MET C 149 22.00 16.16 -17.13
CA MET C 149 22.54 17.51 -17.18
C MET C 149 23.82 17.60 -18.00
N GLY D 1 32.81 -26.33 14.98
CA GLY D 1 32.47 -27.74 14.88
C GLY D 1 30.98 -28.01 14.87
N SER D 2 30.57 -29.08 15.54
CA SER D 2 29.17 -29.47 15.61
C SER D 2 28.38 -28.74 16.70
N MET D 3 28.37 -27.41 16.62
CA MET D 3 27.53 -26.58 17.47
C MET D 3 26.11 -26.65 16.91
N ALA D 4 26.05 -26.94 15.61
CA ALA D 4 24.81 -27.03 14.85
C ALA D 4 23.88 -28.11 15.39
N LEU D 5 24.44 -29.24 15.79
CA LEU D 5 23.64 -30.34 16.30
C LEU D 5 23.02 -29.93 17.64
N LYS D 6 23.79 -29.23 18.46
CA LYS D 6 23.33 -28.77 19.78
C LYS D 6 22.19 -27.77 19.63
N ARG D 7 22.37 -26.88 18.65
CA ARG D 7 21.39 -25.85 18.35
C ARG D 7 20.11 -26.48 17.81
N ILE D 8 20.26 -27.39 16.87
CA ILE D 8 19.13 -28.09 16.25
C ILE D 8 18.35 -28.91 17.27
N HIS D 9 19.05 -29.49 18.24
CA HIS D 9 18.34 -30.29 19.24
C HIS D 9 17.59 -29.42 20.24
N LYS D 10 18.19 -28.29 20.65
CA LYS D 10 17.48 -27.42 21.57
C LYS D 10 16.27 -26.80 20.86
N GLU D 11 16.43 -26.55 19.56
CA GLU D 11 15.34 -26.00 18.76
C GLU D 11 14.24 -27.04 18.61
N LEU D 12 14.61 -28.31 18.49
CA LEU D 12 13.62 -29.38 18.41
C LEU D 12 12.83 -29.51 19.71
N ASN D 13 13.52 -29.40 20.85
CA ASN D 13 12.83 -29.47 22.14
C ASN D 13 11.89 -28.30 22.32
N ASP D 14 12.34 -27.12 21.91
CA ASP D 14 11.50 -25.92 21.96
C ASP D 14 10.30 -26.00 21.02
N LEU D 15 10.45 -26.74 19.92
CA LEU D 15 9.34 -26.89 18.97
C LEU D 15 8.36 -27.91 19.51
N ALA D 16 8.88 -28.83 20.30
CA ALA D 16 8.07 -29.89 20.91
C ALA D 16 7.48 -29.50 22.26
N ARG D 17 7.82 -28.31 22.76
CA ARG D 17 7.25 -27.86 24.03
C ARG D 17 6.31 -26.67 23.79
N ASP D 18 6.62 -25.86 22.79
CA ASP D 18 5.73 -24.80 22.38
C ASP D 18 5.62 -24.76 20.86
N PRO D 19 4.85 -25.70 20.30
CA PRO D 19 4.72 -25.78 18.85
C PRO D 19 4.06 -24.53 18.27
N PRO D 20 4.49 -24.12 17.06
CA PRO D 20 3.93 -22.93 16.44
C PRO D 20 2.49 -23.14 16.06
N ALA D 21 1.72 -22.05 16.03
CA ALA D 21 0.32 -22.13 15.69
C ALA D 21 0.13 -22.64 14.25
N GLN D 22 -0.61 -23.73 14.12
CA GLN D 22 -0.98 -24.30 12.82
C GLN D 22 0.24 -24.79 12.03
N CYS D 23 1.32 -25.08 12.76
CA CYS D 23 2.57 -25.52 12.15
C CYS D 23 3.20 -26.65 12.94
N SER D 24 3.92 -27.51 12.24
CA SER D 24 4.65 -28.56 12.95
C SER D 24 5.92 -28.90 12.17
N ALA D 25 6.95 -29.36 12.87
CA ALA D 25 8.18 -29.71 12.18
C ALA D 25 8.94 -30.77 12.96
N GLY D 26 9.81 -31.50 12.28
CA GLY D 26 10.64 -32.46 12.98
C GLY D 26 11.55 -33.31 12.12
N PRO D 27 12.48 -34.03 12.77
CA PRO D 27 13.49 -34.85 12.12
C PRO D 27 12.96 -36.05 11.35
N VAL D 28 12.13 -35.82 10.34
CA VAL D 28 11.73 -36.92 9.46
C VAL D 28 12.87 -37.18 8.48
N GLY D 29 13.44 -38.38 8.53
CA GLY D 29 14.65 -38.67 7.77
C GLY D 29 15.75 -39.23 8.65
N ASP D 30 16.78 -39.76 8.02
CA ASP D 30 17.85 -40.49 8.71
C ASP D 30 18.52 -39.72 9.86
N ASP D 31 19.19 -38.63 9.52
CA ASP D 31 19.83 -37.77 10.52
C ASP D 31 18.96 -36.61 11.03
N MET D 32 19.57 -35.77 11.86
CA MET D 32 18.93 -34.62 12.49
C MET D 32 18.91 -33.39 11.58
N PHE D 33 19.69 -33.43 10.50
CA PHE D 33 19.83 -32.27 9.63
C PHE D 33 18.81 -32.26 8.50
N HIS D 34 17.96 -33.30 8.46
CA HIS D 34 16.88 -33.32 7.47
C HIS D 34 15.56 -33.39 8.21
N TRP D 35 14.81 -32.30 8.08
CA TRP D 35 13.53 -32.21 8.75
C TRP D 35 12.42 -32.11 7.72
N GLN D 36 11.21 -32.38 8.18
CA GLN D 36 10.02 -32.20 7.39
C GLN D 36 9.08 -31.36 8.23
N ALA D 37 8.47 -30.37 7.60
CA ALA D 37 7.54 -29.47 8.28
C ALA D 37 6.18 -29.52 7.60
N THR D 38 5.15 -29.15 8.34
CA THR D 38 3.80 -29.08 7.81
C THR D 38 3.17 -27.74 8.20
N ILE D 39 2.67 -27.07 7.18
CA ILE D 39 1.98 -25.80 7.33
C ILE D 39 0.54 -25.94 6.84
N MET D 40 -0.41 -25.63 7.72
CA MET D 40 -1.81 -25.58 7.33
C MET D 40 -2.16 -24.22 6.76
N GLY D 41 -2.82 -24.23 5.60
CA GLY D 41 -3.26 -23.00 4.96
C GLY D 41 -4.03 -22.11 5.90
N PRO D 42 -3.66 -20.82 5.95
CA PRO D 42 -4.30 -19.80 6.79
C PRO D 42 -5.76 -19.57 6.41
N ASN D 43 -6.61 -19.19 7.37
CA ASN D 43 -8.00 -18.92 7.05
C ASN D 43 -8.08 -17.56 6.37
N ASP D 44 -7.03 -16.75 6.59
CA ASP D 44 -6.88 -15.45 5.95
C ASP D 44 -6.14 -15.63 4.62
N SER D 45 -6.69 -16.50 3.77
CA SER D 45 -6.05 -16.84 2.50
C SER D 45 -6.94 -17.74 1.66
N PRO D 46 -6.72 -17.76 0.33
CA PRO D 46 -7.41 -18.70 -0.56
C PRO D 46 -6.94 -20.14 -0.33
N TYR D 47 -5.97 -20.31 0.55
CA TYR D 47 -5.48 -21.63 0.95
C TYR D 47 -6.10 -21.98 2.29
N GLN D 48 -7.34 -22.46 2.37
CA GLN D 48 -7.80 -22.77 3.71
C GLN D 48 -8.19 -24.26 3.68
N GLY D 49 -7.91 -24.96 4.78
CA GLY D 49 -8.20 -26.37 4.86
C GLY D 49 -7.18 -27.20 4.11
N GLY D 50 -6.35 -26.54 3.31
CA GLY D 50 -5.32 -27.23 2.55
C GLY D 50 -4.14 -27.53 3.44
N VAL D 51 -3.52 -28.69 3.25
CA VAL D 51 -2.36 -29.06 4.05
C VAL D 51 -1.08 -29.12 3.22
N PHE D 52 -0.10 -28.30 3.57
CA PHE D 52 1.12 -28.17 2.79
C PHE D 52 2.36 -28.74 3.46
N PHE D 53 3.14 -29.49 2.70
CA PHE D 53 4.35 -30.13 3.21
C PHE D 53 5.61 -29.40 2.78
N LEU D 54 6.60 -29.39 3.66
CA LEU D 54 7.85 -28.71 3.40
C LEU D 54 9.02 -29.58 3.82
N THR D 55 10.17 -29.34 3.20
CA THR D 55 11.42 -29.94 3.63
C THR D 55 12.37 -28.85 4.13
N ILE D 56 13.13 -29.21 5.15
CA ILE D 56 14.08 -28.30 5.75
C ILE D 56 15.43 -29.01 5.82
N HIS D 57 16.43 -28.47 5.14
CA HIS D 57 17.76 -29.05 5.21
C HIS D 57 18.70 -28.07 5.87
N PHE D 58 19.20 -28.43 7.05
CA PHE D 58 20.13 -27.55 7.75
C PHE D 58 21.55 -27.66 7.18
N PRO D 59 22.19 -26.50 6.95
CA PRO D 59 23.58 -26.49 6.52
C PRO D 59 24.52 -26.94 7.64
N THR D 60 25.69 -27.43 7.25
CA THR D 60 26.69 -27.92 8.19
C THR D 60 27.16 -26.87 9.21
N ASP D 61 27.03 -25.58 8.87
CA ASP D 61 27.46 -24.54 9.79
C ASP D 61 26.29 -23.73 10.35
N TYR D 62 25.13 -24.39 10.45
CA TYR D 62 23.93 -23.79 11.01
C TYR D 62 24.24 -23.47 12.47
N PRO D 63 23.63 -22.44 13.07
CA PRO D 63 22.66 -21.40 12.68
C PRO D 63 23.25 -20.21 11.91
N PHE D 64 24.55 -20.23 11.63
CA PHE D 64 25.19 -19.09 10.95
C PHE D 64 24.88 -19.05 9.47
N LYS D 65 24.19 -20.08 8.99
CA LYS D 65 23.76 -20.11 7.60
C LYS D 65 22.29 -20.47 7.58
N PRO D 66 21.54 -19.90 6.64
CA PRO D 66 20.10 -20.16 6.59
C PRO D 66 19.80 -21.64 6.35
N PRO D 67 18.69 -22.13 6.90
CA PRO D 67 18.22 -23.48 6.60
C PRO D 67 17.67 -23.46 5.20
N LYS D 68 17.94 -24.48 4.41
CA LYS D 68 17.37 -24.53 3.07
C LYS D 68 15.94 -25.07 3.14
N VAL D 69 14.96 -24.22 2.83
CA VAL D 69 13.56 -24.55 2.97
C VAL D 69 12.83 -24.62 1.64
N ALA D 70 12.07 -25.69 1.39
CA ALA D 70 11.32 -25.77 0.13
C ALA D 70 9.99 -26.46 0.31
N PHE D 71 9.02 -26.11 -0.53
CA PHE D 71 7.70 -26.75 -0.47
C PHE D 71 7.71 -28.09 -1.20
N THR D 72 6.98 -29.06 -0.64
CA THR D 72 6.80 -30.36 -1.29
C THR D 72 5.48 -30.41 -2.03
N THR D 73 4.44 -29.88 -1.39
CA THR D 73 3.12 -29.74 -2.02
C THR D 73 3.19 -28.59 -3.03
N ARG D 74 2.66 -28.79 -4.23
CA ARG D 74 2.64 -27.72 -5.23
C ARG D 74 1.58 -26.68 -4.87
N ILE D 75 1.84 -25.42 -5.20
CA ILE D 75 0.99 -24.32 -4.76
C ILE D 75 1.00 -23.12 -5.72
N TYR D 76 -0.14 -22.46 -5.84
CA TYR D 76 -0.27 -21.31 -6.72
C TYR D 76 -0.01 -20.05 -5.94
N HIS D 77 1.24 -19.60 -5.96
CA HIS D 77 1.64 -18.47 -5.15
C HIS D 77 2.76 -17.68 -5.81
N PRO D 78 2.68 -16.34 -5.75
CA PRO D 78 3.63 -15.42 -6.38
C PRO D 78 5.07 -15.58 -5.91
N ASN D 79 5.27 -15.93 -4.65
CA ASN D 79 6.62 -16.05 -4.11
C ASN D 79 7.08 -17.50 -3.99
N ILE D 80 6.31 -18.42 -4.57
CA ILE D 80 6.70 -19.83 -4.52
C ILE D 80 6.83 -20.41 -5.92
N ASN D 81 8.02 -20.94 -6.20
CA ASN D 81 8.36 -21.52 -7.50
C ASN D 81 7.58 -22.80 -7.74
N SER D 82 7.63 -23.29 -8.98
CA SER D 82 7.08 -24.60 -9.28
C SER D 82 8.05 -25.65 -8.76
N ASN D 83 9.23 -25.20 -8.32
CA ASN D 83 10.20 -26.14 -7.77
C ASN D 83 10.06 -26.18 -6.27
N GLY D 84 9.07 -25.46 -5.75
CA GLY D 84 8.86 -25.40 -4.32
C GLY D 84 9.82 -24.42 -3.65
N SER D 85 10.57 -23.69 -4.46
CA SER D 85 11.54 -22.73 -3.95
C SER D 85 10.83 -21.53 -3.34
N ILE D 86 11.23 -21.15 -2.14
CA ILE D 86 10.58 -20.02 -1.49
C ILE D 86 11.49 -18.82 -1.59
N CYS D 87 10.96 -17.71 -2.09
CA CYS D 87 11.72 -16.47 -2.11
C CYS D 87 11.31 -15.59 -0.94
N LEU D 88 12.05 -15.70 0.14
CA LEU D 88 11.77 -14.93 1.34
C LEU D 88 13.08 -14.36 1.83
N ASP D 89 13.05 -13.07 2.17
CA ASP D 89 14.23 -12.34 2.60
C ASP D 89 15.00 -13.00 3.76
N ILE D 90 14.30 -13.40 4.81
CA ILE D 90 14.97 -13.98 5.97
C ILE D 90 15.58 -15.34 5.63
N LEU D 91 15.26 -15.87 4.45
CA LEU D 91 15.87 -17.14 4.04
C LEU D 91 17.13 -16.90 3.23
N ARG D 92 17.43 -15.65 2.93
CA ARG D 92 18.67 -15.30 2.25
C ARG D 92 19.45 -14.20 3.00
N SER D 93 19.09 -12.92 2.82
CA SER D 93 19.96 -11.85 3.32
C SER D 93 19.48 -11.23 4.63
N GLN D 94 18.22 -11.42 4.98
CA GLN D 94 17.73 -10.90 6.25
C GLN D 94 17.84 -11.96 7.34
N TRP D 95 18.56 -13.05 7.03
CA TRP D 95 18.74 -14.13 7.99
C TRP D 95 19.68 -13.69 9.11
N SER D 96 19.56 -14.37 10.25
CA SER D 96 20.47 -14.16 11.37
C SER D 96 20.35 -15.36 12.32
N PRO D 97 21.43 -15.68 13.06
CA PRO D 97 21.42 -16.83 13.98
C PRO D 97 20.28 -16.78 14.98
N ALA D 98 19.76 -15.58 15.23
CA ALA D 98 18.64 -15.40 16.11
C ALA D 98 17.38 -16.08 15.58
N LEU D 99 17.19 -16.00 14.26
CA LEU D 99 16.00 -16.57 13.64
C LEU D 99 15.98 -18.07 13.87
N THR D 100 14.77 -18.60 14.03
CA THR D 100 14.62 -20.03 14.29
C THR D 100 13.64 -20.61 13.30
N ILE D 101 13.58 -21.95 13.24
CA ILE D 101 12.68 -22.62 12.33
C ILE D 101 11.24 -22.22 12.63
N SER D 102 10.93 -22.03 13.91
CA SER D 102 9.61 -21.59 14.32
C SER D 102 9.22 -20.30 13.59
N LYS D 103 10.09 -19.30 13.69
CA LYS D 103 9.85 -18.01 13.08
C LYS D 103 9.85 -18.07 11.56
N VAL D 104 10.65 -18.97 10.99
CA VAL D 104 10.68 -19.11 9.55
C VAL D 104 9.35 -19.64 9.03
N LEU D 105 8.84 -20.68 9.70
CA LEU D 105 7.55 -21.27 9.38
C LEU D 105 6.40 -20.26 9.51
N LEU D 106 6.36 -19.58 10.65
CA LEU D 106 5.33 -18.56 10.88
C LEU D 106 5.40 -17.45 9.83
N SER D 107 6.61 -17.07 9.44
CA SER D 107 6.80 -16.05 8.42
C SER D 107 6.30 -16.56 7.07
N ILE D 108 6.45 -17.85 6.83
CA ILE D 108 6.00 -18.43 5.58
C ILE D 108 4.47 -18.45 5.55
N CYS D 109 3.84 -18.75 6.68
CA CYS D 109 2.39 -18.69 6.78
C CYS D 109 1.91 -17.29 6.44
N SER D 110 2.59 -16.30 7.03
CA SER D 110 2.28 -14.92 6.73
C SER D 110 2.48 -14.61 5.26
N LEU D 111 3.43 -15.31 4.63
CA LEU D 111 3.71 -15.14 3.21
C LEU D 111 2.54 -15.66 2.39
N LEU D 112 1.85 -16.65 2.94
CA LEU D 112 0.64 -17.17 2.29
C LEU D 112 -0.53 -16.22 2.50
N CYS D 113 -0.58 -15.59 3.68
CA CYS D 113 -1.65 -14.64 3.97
C CYS D 113 -1.56 -13.42 3.06
N ASP D 114 -0.37 -12.84 2.96
CA ASP D 114 -0.18 -11.62 2.20
C ASP D 114 1.15 -11.65 1.44
N PRO D 115 1.14 -12.16 0.21
CA PRO D 115 2.33 -12.31 -0.66
C PRO D 115 3.09 -11.02 -0.93
N ASN D 116 4.34 -11.14 -1.38
CA ASN D 116 5.18 -9.99 -1.71
C ASN D 116 5.42 -9.87 -3.22
N PRO D 117 4.57 -9.10 -3.90
CA PRO D 117 4.62 -8.92 -5.36
C PRO D 117 5.84 -8.14 -5.82
N ASP D 118 6.39 -7.33 -4.91
CA ASP D 118 7.50 -6.44 -5.22
C ASP D 118 8.74 -7.25 -5.60
N ASP D 119 8.80 -8.50 -5.16
CA ASP D 119 9.90 -9.36 -5.55
C ASP D 119 9.36 -10.74 -5.95
N PRO D 120 8.84 -10.84 -7.19
CA PRO D 120 8.20 -12.07 -7.66
C PRO D 120 9.18 -13.15 -8.05
N LEU D 121 8.80 -14.40 -7.82
CA LEU D 121 9.59 -15.55 -8.25
C LEU D 121 8.87 -16.21 -9.41
N VAL D 122 7.56 -15.96 -9.48
CA VAL D 122 6.71 -16.41 -10.58
C VAL D 122 5.93 -15.23 -11.15
N PRO D 123 6.54 -14.50 -12.11
CA PRO D 123 6.00 -13.28 -12.72
C PRO D 123 4.51 -13.33 -13.03
N GLU D 124 4.05 -14.43 -13.63
CA GLU D 124 2.67 -14.55 -14.08
C GLU D 124 1.66 -14.51 -12.94
N ILE D 125 1.93 -15.26 -11.88
CA ILE D 125 1.04 -15.32 -10.73
C ILE D 125 1.03 -13.98 -9.98
N ALA D 126 2.18 -13.32 -9.93
CA ALA D 126 2.29 -11.98 -9.34
C ALA D 126 1.43 -11.01 -10.16
N ARG D 127 1.46 -11.19 -11.47
CA ARG D 127 0.73 -10.36 -12.42
C ARG D 127 -0.78 -10.51 -12.23
N ILE D 128 -1.23 -11.75 -12.09
CA ILE D 128 -2.63 -12.01 -11.81
C ILE D 128 -3.04 -11.50 -10.43
N TYR D 129 -2.11 -11.57 -9.47
CA TYR D 129 -2.41 -11.18 -8.10
C TYR D 129 -2.68 -9.66 -7.95
N LYS D 130 -2.15 -8.85 -8.87
CA LYS D 130 -2.46 -7.40 -8.90
C LYS D 130 -2.98 -6.90 -10.24
N THR D 131 -3.77 -7.72 -10.91
CA THR D 131 -4.61 -7.28 -12.02
C THR D 131 -5.95 -8.00 -11.91
N ASP D 132 -5.89 -9.27 -11.54
CA ASP D 132 -7.08 -10.07 -11.46
C ASP D 132 -7.13 -10.86 -10.14
N ARG D 133 -7.34 -10.14 -9.04
CA ARG D 133 -7.40 -10.73 -7.70
C ARG D 133 -8.43 -11.85 -7.56
N GLU D 134 -9.55 -11.69 -8.26
CA GLU D 134 -10.54 -12.73 -8.33
C GLU D 134 -9.95 -14.00 -8.91
N LYS D 135 -9.21 -13.84 -10.00
CA LYS D 135 -8.60 -14.97 -10.69
C LYS D 135 -7.50 -15.63 -9.83
N TYR D 136 -6.69 -14.80 -9.18
CA TYR D 136 -5.68 -15.34 -8.27
C TYR D 136 -6.32 -16.18 -7.17
N ASN D 137 -7.25 -15.56 -6.42
CA ASN D 137 -7.94 -16.28 -5.35
C ASN D 137 -8.56 -17.56 -5.87
N ARG D 138 -9.16 -17.50 -7.05
CA ARG D 138 -9.81 -18.66 -7.66
C ARG D 138 -8.83 -19.79 -7.94
N ILE D 139 -7.82 -19.50 -8.76
CA ILE D 139 -6.84 -20.51 -9.13
C ILE D 139 -6.10 -21.06 -7.92
N ALA D 140 -5.72 -20.18 -7.00
CA ALA D 140 -5.04 -20.60 -5.77
C ALA D 140 -5.91 -21.55 -4.93
N ARG D 141 -7.18 -21.20 -4.81
CA ARG D 141 -8.14 -22.03 -4.07
C ARG D 141 -8.29 -23.42 -4.73
N GLU D 142 -8.37 -23.42 -6.07
CA GLU D 142 -8.51 -24.66 -6.82
C GLU D 142 -7.25 -25.53 -6.69
N TRP D 143 -6.09 -24.90 -6.69
CA TRP D 143 -4.86 -25.65 -6.47
C TRP D 143 -4.83 -26.16 -5.02
N THR D 144 -5.50 -25.46 -4.11
CA THR D 144 -5.57 -25.92 -2.72
C THR D 144 -6.42 -27.19 -2.61
N GLN D 145 -7.38 -27.32 -3.53
CA GLN D 145 -8.21 -28.52 -3.58
C GLN D 145 -7.69 -29.65 -4.46
N LYS D 146 -6.78 -29.37 -5.39
CA LYS D 146 -6.30 -30.44 -6.23
C LYS D 146 -4.96 -31.03 -5.74
N TYR D 147 -4.32 -30.37 -4.78
CA TYR D 147 -3.04 -30.88 -4.29
C TYR D 147 -2.92 -30.94 -2.76
N ALA D 148 -3.37 -29.88 -2.08
CA ALA D 148 -3.22 -29.80 -0.64
C ALA D 148 -4.28 -30.59 0.11
N MET D 149 -5.52 -30.50 -0.36
CA MET D 149 -6.65 -31.16 0.29
C MET D 149 -6.75 -32.63 -0.09
N LEU E 1 -48.67 -4.03 -8.96
CA LEU E 1 -49.69 -3.78 -7.94
C LEU E 1 -48.96 -3.32 -6.69
N LYS E 2 -48.35 -4.30 -6.03
CA LYS E 2 -47.56 -4.11 -4.82
C LYS E 2 -46.06 -4.27 -5.12
N SER E 3 -45.23 -4.09 -4.08
CA SER E 3 -43.80 -4.30 -4.23
C SER E 3 -43.48 -5.78 -4.16
N ALA E 4 -42.43 -6.17 -4.88
CA ALA E 4 -42.01 -7.56 -4.94
C ALA E 4 -41.07 -7.87 -3.78
N CYS E 5 -40.86 -9.16 -3.54
CA CYS E 5 -39.92 -9.61 -2.53
C CYS E 5 -38.58 -8.91 -2.72
N VAL E 6 -38.05 -8.34 -1.64
CA VAL E 6 -36.86 -7.53 -1.72
C VAL E 6 -35.65 -8.41 -2.05
N VAL E 7 -35.81 -9.71 -1.86
CA VAL E 7 -34.71 -10.64 -2.07
C VAL E 7 -34.61 -11.18 -3.50
N CYS E 8 -35.72 -11.63 -4.08
CA CYS E 8 -35.69 -12.21 -5.43
C CYS E 8 -36.35 -11.32 -6.49
N LEU E 9 -37.10 -10.31 -6.04
CA LEU E 9 -37.70 -9.32 -6.94
C LEU E 9 -38.66 -9.92 -7.96
N SER E 10 -39.10 -11.16 -7.71
CA SER E 10 -39.97 -11.85 -8.65
C SER E 10 -41.31 -12.29 -8.06
N SER E 11 -41.43 -12.31 -6.73
CA SER E 11 -42.66 -12.75 -6.07
C SER E 11 -43.27 -11.66 -5.20
N PHE E 12 -44.52 -11.83 -4.77
CA PHE E 12 -45.14 -10.86 -3.88
C PHE E 12 -44.66 -11.14 -2.48
N LYS E 13 -44.48 -10.09 -1.69
CA LYS E 13 -44.16 -10.26 -0.29
C LYS E 13 -45.31 -11.02 0.35
N SER E 14 -45.00 -12.09 1.09
CA SER E 14 -46.05 -12.98 1.57
C SER E 14 -45.95 -13.26 3.06
N CYS E 15 -45.05 -12.58 3.76
CA CYS E 15 -44.95 -12.79 5.19
C CYS E 15 -44.30 -11.63 5.95
N VAL E 16 -44.40 -11.69 7.27
CA VAL E 16 -43.86 -10.67 8.14
C VAL E 16 -42.84 -11.24 9.08
N PHE E 17 -41.73 -10.51 9.25
CA PHE E 17 -40.67 -10.91 10.15
C PHE E 17 -40.80 -10.23 11.51
N LEU E 18 -40.68 -11.04 12.55
CA LEU E 18 -40.70 -10.59 13.94
C LEU E 18 -39.33 -10.88 14.55
N GLU E 19 -38.81 -9.91 15.29
CA GLU E 19 -39.64 -8.82 15.83
C GLU E 19 -39.51 -7.45 15.14
N CYS E 20 -38.64 -7.35 14.15
CA CYS E 20 -38.43 -6.07 13.46
C CYS E 20 -39.70 -5.54 12.77
N GLY E 21 -40.50 -6.44 12.21
CA GLY E 21 -41.78 -6.05 11.65
C GLY E 21 -41.78 -5.70 10.18
N HIS E 22 -40.82 -6.23 9.44
CA HIS E 22 -40.73 -5.89 8.03
C HIS E 22 -41.46 -6.92 7.18
N VAL E 23 -42.12 -6.41 6.14
CA VAL E 23 -42.75 -7.24 5.14
C VAL E 23 -41.93 -7.07 3.89
N CYS E 24 -41.04 -8.00 3.62
CA CYS E 24 -40.06 -7.79 2.57
C CYS E 24 -39.74 -9.03 1.77
N SER E 25 -40.19 -10.19 2.25
CA SER E 25 -39.75 -11.43 1.64
C SER E 25 -40.90 -12.38 1.27
N CYS E 26 -40.62 -13.28 0.34
CA CYS E 26 -41.51 -14.38 0.04
C CYS E 26 -41.06 -15.57 0.90
N THR E 27 -41.92 -16.59 0.99
CA THR E 27 -41.66 -17.75 1.83
C THR E 27 -40.36 -18.47 1.45
N GLU E 28 -40.25 -18.79 0.16
CA GLU E 28 -39.11 -19.54 -0.35
C GLU E 28 -37.77 -18.89 -0.08
N CYS E 29 -37.68 -17.60 -0.38
CA CYS E 29 -36.45 -16.86 -0.12
C CYS E 29 -36.13 -16.81 1.37
N TYR E 30 -37.18 -16.70 2.17
CA TYR E 30 -37.03 -16.78 3.62
C TYR E 30 -36.35 -18.08 4.00
N ARG E 31 -36.77 -19.17 3.38
CA ARG E 31 -36.16 -20.47 3.64
C ARG E 31 -34.75 -20.48 3.07
N ALA E 32 -34.53 -19.69 2.03
CA ALA E 32 -33.23 -19.62 1.40
C ALA E 32 -32.23 -18.84 2.27
N LEU E 33 -32.73 -17.92 3.09
CA LEU E 33 -31.86 -17.11 3.94
C LEU E 33 -30.95 -18.04 4.71
N PRO E 34 -29.66 -17.69 4.80
CA PRO E 34 -28.80 -18.58 5.59
C PRO E 34 -29.03 -18.48 7.09
N GLU E 35 -28.96 -19.61 7.79
CA GLU E 35 -29.07 -19.62 9.24
C GLU E 35 -27.74 -19.14 9.81
N PRO E 36 -27.77 -18.25 10.82
CA PRO E 36 -28.90 -17.67 11.55
C PRO E 36 -29.65 -16.63 10.72
N LYS E 37 -30.96 -16.83 10.59
CA LYS E 37 -31.76 -16.04 9.66
C LYS E 37 -31.88 -14.60 10.15
N LYS E 38 -31.47 -13.67 9.29
CA LYS E 38 -31.53 -12.25 9.62
C LYS E 38 -32.40 -11.52 8.61
N CYS E 39 -33.07 -10.47 9.07
CA CYS E 39 -33.93 -9.68 8.20
C CYS E 39 -33.11 -9.03 7.09
N PRO E 40 -33.50 -9.25 5.83
CA PRO E 40 -32.78 -8.65 4.71
C PRO E 40 -32.77 -7.13 4.73
N ILE E 41 -33.57 -6.48 5.56
CA ILE E 41 -33.65 -5.02 5.55
C ILE E 41 -32.86 -4.42 6.72
N CYS E 42 -32.95 -5.01 7.90
CA CYS E 42 -32.31 -4.46 9.09
C CYS E 42 -31.34 -5.45 9.75
N ARG E 43 -31.21 -6.64 9.15
CA ARG E 43 -30.31 -7.67 9.65
C ARG E 43 -30.53 -8.13 11.09
N GLN E 44 -31.69 -7.83 11.67
CA GLN E 44 -31.98 -8.35 13.00
C GLN E 44 -32.47 -9.78 12.86
N ALA E 45 -32.31 -10.54 13.94
CA ALA E 45 -32.60 -11.97 13.90
C ALA E 45 -34.09 -12.17 13.74
N ILE E 46 -34.46 -13.11 12.88
CA ILE E 46 -35.86 -13.39 12.66
C ILE E 46 -36.26 -14.45 13.68
N THR E 47 -37.09 -14.07 14.64
CA THR E 47 -37.46 -15.01 15.70
C THR E 47 -38.83 -15.59 15.40
N ARG E 48 -39.61 -14.90 14.57
CA ARG E 48 -40.91 -15.47 14.25
C ARG E 48 -41.41 -14.96 12.90
N VAL E 49 -42.06 -15.82 12.15
CA VAL E 49 -42.58 -15.43 10.86
C VAL E 49 -44.09 -15.60 10.86
N ILE E 50 -44.79 -14.57 10.43
CA ILE E 50 -46.23 -14.65 10.37
C ILE E 50 -46.67 -14.38 8.95
N PRO E 51 -47.27 -15.40 8.32
CA PRO E 51 -47.64 -15.27 6.91
C PRO E 51 -48.69 -14.21 6.68
N LEU E 52 -48.68 -13.67 5.47
CA LEU E 52 -49.62 -12.64 5.09
C LEU E 52 -50.61 -13.41 4.28
N TYR E 53 -51.89 -13.26 4.56
CA TYR E 53 -52.86 -13.99 3.76
C TYR E 53 -53.29 -13.07 2.64
N ASN E 54 -52.28 -12.76 1.83
CA ASN E 54 -52.31 -11.84 0.70
C ASN E 54 -51.78 -12.56 -0.53
N SER E 55 -51.40 -11.77 -1.53
CA SER E 55 -50.81 -12.28 -2.76
C SER E 55 -51.78 -13.17 -3.52
N LEU F 1 23.16 23.30 38.58
CA LEU F 1 23.06 24.18 37.43
C LEU F 1 21.62 24.45 37.01
N LYS F 2 21.50 25.21 35.92
CA LYS F 2 20.20 25.52 35.34
C LYS F 2 20.05 24.66 34.08
N SER F 3 18.90 24.81 33.41
CA SER F 3 18.59 24.09 32.20
C SER F 3 19.40 24.63 31.03
N ALA F 4 19.70 23.75 30.08
CA ALA F 4 20.44 24.14 28.90
C ALA F 4 19.45 24.63 27.84
N CYS F 5 19.98 25.36 26.85
CA CYS F 5 19.16 25.85 25.76
C CYS F 5 18.37 24.70 25.14
N VAL F 6 17.07 24.88 24.99
CA VAL F 6 16.21 23.81 24.50
C VAL F 6 16.48 23.52 23.03
N VAL F 7 17.12 24.45 22.35
CA VAL F 7 17.39 24.30 20.94
C VAL F 7 18.74 23.64 20.67
N CYS F 8 19.79 24.05 21.38
CA CYS F 8 21.12 23.47 21.17
C CYS F 8 21.62 22.56 22.30
N LEU F 9 21.02 22.69 23.49
CA LEU F 9 21.33 21.82 24.64
C LEU F 9 22.79 21.92 25.11
N SER F 10 23.52 22.93 24.64
CA SER F 10 24.94 23.07 24.96
C SER F 10 25.23 24.40 25.63
N SER F 11 24.29 25.33 25.52
CA SER F 11 24.44 26.65 26.10
C SER F 11 23.34 26.88 27.12
N PHE F 12 23.52 27.91 27.92
CA PHE F 12 22.55 28.32 28.91
C PHE F 12 21.51 29.22 28.28
N LYS F 13 20.27 29.11 28.73
CA LYS F 13 19.22 30.01 28.23
C LYS F 13 19.58 31.45 28.54
N SER F 14 19.56 32.30 27.54
CA SER F 14 20.09 33.65 27.68
C SER F 14 19.19 34.79 27.20
N CYS F 15 17.94 34.51 26.82
CA CYS F 15 17.07 35.59 26.36
C CYS F 15 15.59 35.31 26.52
N VAL F 16 14.79 36.34 26.30
CA VAL F 16 13.35 36.25 26.43
C VAL F 16 12.64 36.58 25.12
N PHE F 17 11.62 35.78 24.80
CA PHE F 17 10.80 35.99 23.62
C PHE F 17 9.55 36.77 23.98
N LEU F 18 9.28 37.80 23.20
CA LEU F 18 8.09 38.62 23.37
C LEU F 18 7.21 38.44 22.16
N GLU F 19 5.91 38.26 22.40
CA GLU F 19 5.31 38.55 23.70
C GLU F 19 4.96 37.35 24.57
N CYS F 20 5.22 36.13 24.09
CA CYS F 20 4.87 34.95 24.86
C CYS F 20 5.55 34.96 26.22
N GLY F 21 6.79 35.41 26.23
CA GLY F 21 7.51 35.61 27.48
C GLY F 21 8.30 34.43 27.98
N HIS F 22 8.68 33.51 27.11
CA HIS F 22 9.40 32.33 27.57
C HIS F 22 10.91 32.49 27.44
N VAL F 23 11.60 31.97 28.44
CA VAL F 23 13.05 31.96 28.45
C VAL F 23 13.52 30.53 28.24
N CYS F 24 13.88 30.19 27.01
CA CYS F 24 14.17 28.82 26.66
C CYS F 24 15.31 28.65 25.66
N SER F 25 15.78 29.75 25.12
CA SER F 25 16.77 29.70 24.05
C SER F 25 17.99 30.56 24.32
N CYS F 26 19.08 30.23 23.65
CA CYS F 26 20.23 31.13 23.64
C CYS F 26 20.09 32.03 22.41
N THR F 27 20.83 33.15 22.42
CA THR F 27 20.74 34.15 21.36
C THR F 27 21.11 33.60 19.98
N GLU F 28 22.25 32.93 19.91
CA GLU F 28 22.75 32.37 18.67
C GLU F 28 21.72 31.47 17.99
N CYS F 29 21.13 30.56 18.78
CA CYS F 29 20.08 29.67 18.30
C CYS F 29 18.85 30.42 17.82
N TYR F 30 18.53 31.51 18.52
CA TYR F 30 17.47 32.39 18.07
C TYR F 30 17.76 32.89 16.67
N ARG F 31 19.02 33.25 16.40
CA ARG F 31 19.36 33.69 15.05
C ARG F 31 19.28 32.52 14.08
N ALA F 32 19.52 31.32 14.60
CA ALA F 32 19.47 30.12 13.78
C ALA F 32 18.04 29.77 13.36
N LEU F 33 17.05 30.23 14.12
CA LEU F 33 15.64 29.94 13.87
C LEU F 33 15.22 30.20 12.43
N PRO F 34 14.25 29.40 11.94
CA PRO F 34 13.66 29.56 10.61
C PRO F 34 13.16 30.99 10.47
N GLU F 35 13.11 31.48 9.23
CA GLU F 35 12.87 32.89 8.98
C GLU F 35 11.54 33.39 9.58
N PRO F 36 10.41 32.69 9.35
CA PRO F 36 9.30 33.14 10.20
C PRO F 36 9.48 32.61 11.62
N LYS F 37 9.99 33.47 12.51
CA LYS F 37 10.45 33.03 13.83
C LYS F 37 9.32 32.72 14.81
N LYS F 38 9.28 31.47 15.26
CA LYS F 38 8.28 31.03 16.23
C LYS F 38 8.98 30.42 17.44
N CYS F 39 8.39 30.61 18.61
CA CYS F 39 8.92 30.05 19.85
C CYS F 39 8.87 28.52 19.82
N PRO F 40 10.02 27.87 20.10
CA PRO F 40 10.11 26.40 20.10
C PRO F 40 9.19 25.73 21.13
N ILE F 41 8.61 26.52 22.03
CA ILE F 41 7.76 26.00 23.11
C ILE F 41 6.27 26.22 22.85
N CYS F 42 5.90 27.37 22.30
CA CYS F 42 4.47 27.63 22.09
C CYS F 42 4.09 27.88 20.61
N ARG F 43 5.06 27.86 19.69
CA ARG F 43 4.83 28.05 18.24
C ARG F 43 4.19 29.37 17.89
N GLN F 44 4.22 30.28 18.84
CA GLN F 44 3.69 31.63 18.69
C GLN F 44 4.78 32.58 18.17
N ALA F 45 4.39 33.59 17.39
CA ALA F 45 5.41 34.40 16.73
C ALA F 45 6.20 35.27 17.71
N ILE F 46 7.51 35.36 17.49
CA ILE F 46 8.35 36.18 18.33
C ILE F 46 8.43 37.58 17.72
N THR F 47 7.88 38.57 18.41
CA THR F 47 7.83 39.93 17.88
C THR F 47 8.96 40.78 18.45
N ARG F 48 9.55 40.33 19.55
CA ARG F 48 10.65 41.06 20.16
C ARG F 48 11.55 40.14 20.98
N VAL F 49 12.85 40.38 20.99
CA VAL F 49 13.76 39.58 21.80
C VAL F 49 14.57 40.42 22.76
N ILE F 50 14.64 39.99 24.02
CA ILE F 50 15.48 40.70 24.98
C ILE F 50 16.47 39.78 25.66
N PRO F 51 17.78 39.97 25.37
CA PRO F 51 18.83 39.12 25.93
C PRO F 51 18.97 39.25 27.45
N LEU F 52 19.43 38.17 28.08
CA LEU F 52 19.52 38.09 29.52
C LEU F 52 20.95 38.14 30.04
N TYR F 53 21.33 39.27 30.65
CA TYR F 53 22.64 39.38 31.27
C TYR F 53 22.50 39.14 32.76
N ASN F 54 23.36 38.30 33.33
CA ASN F 54 23.28 38.05 34.77
C ASN F 54 24.18 39.03 35.52
N SER F 55 24.44 38.75 36.79
CA SER F 55 25.29 39.63 37.60
C SER F 55 25.58 39.03 38.98
N LEU G 1 -20.94 24.07 -29.05
CA LEU G 1 -20.72 23.93 -27.61
C LEU G 1 -20.81 22.46 -27.22
N LYS G 2 -20.00 21.65 -27.90
CA LYS G 2 -19.99 20.22 -27.66
C LYS G 2 -18.55 19.69 -27.56
N SER G 3 -18.39 18.42 -27.16
CA SER G 3 -17.09 17.76 -27.18
C SER G 3 -16.87 17.10 -28.55
N ALA G 4 -15.61 17.00 -28.98
CA ALA G 4 -15.29 16.39 -30.26
C ALA G 4 -15.07 14.88 -30.18
N CYS G 5 -15.17 14.21 -31.33
CA CYS G 5 -14.89 12.78 -31.43
C CYS G 5 -13.54 12.43 -30.86
N VAL G 6 -13.51 11.46 -29.96
CA VAL G 6 -12.29 11.13 -29.22
C VAL G 6 -11.23 10.43 -30.08
N VAL G 7 -11.63 9.90 -31.23
CA VAL G 7 -10.67 9.17 -32.07
C VAL G 7 -9.95 10.08 -33.08
N CYS G 8 -10.68 10.98 -33.73
CA CYS G 8 -10.06 11.88 -34.72
C CYS G 8 -9.95 13.34 -34.26
N LEU G 9 -10.67 13.69 -33.20
CA LEU G 9 -10.60 15.03 -32.59
C LEU G 9 -11.03 16.18 -33.50
N SER G 10 -11.71 15.88 -34.60
CA SER G 10 -12.11 16.91 -35.56
C SER G 10 -13.60 16.99 -35.85
N SER G 11 -14.35 15.94 -35.52
CA SER G 11 -15.79 15.93 -35.79
C SER G 11 -16.59 15.78 -34.51
N PHE G 12 -17.91 15.99 -34.62
CA PHE G 12 -18.80 15.89 -33.48
C PHE G 12 -19.16 14.44 -33.18
N LYS G 13 -19.31 14.12 -31.89
CA LYS G 13 -19.82 12.82 -31.51
C LYS G 13 -21.23 12.67 -32.05
N SER G 14 -21.50 11.58 -32.75
CA SER G 14 -22.76 11.46 -33.48
C SER G 14 -23.49 10.16 -33.18
N CYS G 15 -22.95 9.37 -32.27
CA CYS G 15 -23.61 8.12 -31.91
C CYS G 15 -23.21 7.60 -30.54
N VAL G 16 -23.96 6.62 -30.06
CA VAL G 16 -23.73 5.97 -28.78
C VAL G 16 -23.53 4.48 -29.00
N PHE G 17 -22.59 3.92 -28.25
CA PHE G 17 -22.25 2.52 -28.34
C PHE G 17 -22.96 1.66 -27.29
N LEU G 18 -23.49 0.52 -27.73
CA LEU G 18 -24.15 -0.44 -26.87
C LEU G 18 -23.32 -1.72 -26.85
N GLU G 19 -23.14 -2.29 -25.66
CA GLU G 19 -23.98 -1.94 -24.51
C GLU G 19 -23.36 -1.04 -23.44
N CYS G 20 -22.11 -0.62 -23.63
CA CYS G 20 -21.46 0.24 -22.64
C CYS G 20 -22.22 1.56 -22.44
N GLY G 21 -22.75 2.12 -23.52
CA GLY G 21 -23.60 3.29 -23.43
C GLY G 21 -22.87 4.62 -23.50
N HIS G 22 -21.67 4.59 -24.10
CA HIS G 22 -20.82 5.79 -24.13
C HIS G 22 -20.92 6.56 -25.46
N VAL G 23 -20.87 7.89 -25.38
CA VAL G 23 -20.86 8.75 -26.55
C VAL G 23 -19.50 9.42 -26.74
N CYS G 24 -18.68 8.89 -27.64
CA CYS G 24 -17.30 9.36 -27.76
C CYS G 24 -16.79 9.43 -29.19
N SER G 25 -17.54 8.89 -30.14
CA SER G 25 -17.02 8.80 -31.50
C SER G 25 -17.94 9.38 -32.56
N CYS G 26 -17.36 9.73 -33.70
CA CYS G 26 -18.12 10.08 -34.88
C CYS G 26 -18.28 8.81 -35.73
N THR G 27 -19.22 8.83 -36.67
CA THR G 27 -19.54 7.65 -37.46
C THR G 27 -18.33 7.08 -38.21
N GLU G 28 -17.63 7.95 -38.94
CA GLU G 28 -16.47 7.56 -39.74
C GLU G 28 -15.43 6.84 -38.89
N CYS G 29 -15.13 7.43 -37.74
CA CYS G 29 -14.18 6.84 -36.80
C CYS G 29 -14.67 5.51 -36.23
N TYR G 30 -15.97 5.40 -35.96
CA TYR G 30 -16.56 4.14 -35.51
C TYR G 30 -16.24 3.07 -36.51
N ARG G 31 -16.38 3.43 -37.78
CA ARG G 31 -16.11 2.50 -38.87
C ARG G 31 -14.62 2.20 -39.00
N ALA G 32 -13.80 3.15 -38.58
CA ALA G 32 -12.34 3.01 -38.66
C ALA G 32 -11.79 2.01 -37.65
N LEU G 33 -12.53 1.79 -36.56
CA LEU G 33 -12.13 0.89 -35.49
C LEU G 33 -11.73 -0.48 -36.02
N PRO G 34 -10.70 -1.10 -35.39
CA PRO G 34 -10.27 -2.45 -35.74
C PRO G 34 -11.43 -3.43 -35.65
N GLU G 35 -11.40 -4.50 -36.45
CA GLU G 35 -12.60 -5.31 -36.67
C GLU G 35 -13.25 -5.94 -35.43
N PRO G 36 -12.46 -6.42 -34.45
CA PRO G 36 -13.26 -6.55 -33.23
C PRO G 36 -13.46 -5.15 -32.64
N LYS G 37 -14.62 -4.54 -32.90
CA LYS G 37 -14.81 -3.15 -32.55
C LYS G 37 -14.98 -2.98 -31.07
N LYS G 38 -14.12 -2.18 -30.46
CA LYS G 38 -14.17 -1.95 -29.03
C LYS G 38 -14.33 -0.45 -28.74
N CYS G 39 -15.02 -0.13 -27.66
CA CYS G 39 -15.21 1.27 -27.28
C CYS G 39 -13.87 1.93 -26.98
N PRO G 40 -13.60 3.07 -27.64
CA PRO G 40 -12.34 3.80 -27.44
C PRO G 40 -12.16 4.26 -26.00
N ILE G 41 -13.21 4.19 -25.20
CA ILE G 41 -13.18 4.70 -23.83
C ILE G 41 -13.12 3.62 -22.75
N CYS G 42 -13.83 2.52 -22.94
CA CYS G 42 -13.88 1.47 -21.92
C CYS G 42 -13.39 0.11 -22.43
N ARG G 43 -13.02 0.08 -23.70
CA ARG G 43 -12.54 -1.14 -24.36
C ARG G 43 -13.47 -2.38 -24.38
N GLN G 44 -14.75 -2.27 -24.02
CA GLN G 44 -15.59 -3.47 -24.20
C GLN G 44 -16.19 -3.48 -25.61
N ALA G 45 -16.55 -4.68 -26.06
CA ALA G 45 -17.00 -4.88 -27.41
C ALA G 45 -18.31 -4.15 -27.68
N ILE G 46 -18.37 -3.54 -28.85
CA ILE G 46 -19.55 -2.81 -29.30
C ILE G 46 -20.45 -3.75 -30.09
N THR G 47 -21.64 -4.01 -29.54
CA THR G 47 -22.57 -4.93 -30.19
C THR G 47 -23.66 -4.21 -30.96
N ARG G 48 -23.87 -2.92 -30.66
CA ARG G 48 -24.90 -2.16 -31.36
C ARG G 48 -24.60 -0.66 -31.34
N VAL G 49 -24.97 0.05 -32.40
CA VAL G 49 -24.75 1.50 -32.46
C VAL G 49 -26.06 2.25 -32.63
N ILE G 50 -26.24 3.31 -31.85
CA ILE G 50 -27.43 4.15 -31.96
C ILE G 50 -27.08 5.61 -32.23
N PRO G 51 -27.53 6.14 -33.37
CA PRO G 51 -27.23 7.51 -33.78
C PRO G 51 -27.80 8.53 -32.79
N LEU G 52 -27.25 9.75 -32.77
CA LEU G 52 -27.63 10.74 -31.77
C LEU G 52 -28.54 11.87 -32.26
N TYR G 53 -28.33 12.35 -33.48
CA TYR G 53 -29.19 13.41 -34.03
C TYR G 53 -30.39 12.93 -34.81
N ASN G 54 -30.22 11.90 -35.62
CA ASN G 54 -31.33 11.42 -36.43
C ASN G 54 -32.08 10.37 -35.63
N SER G 55 -32.55 10.83 -34.48
CA SER G 55 -33.21 10.02 -33.46
C SER G 55 -33.21 10.83 -32.16
N LEU H 1 16.22 -16.90 36.54
CA LEU H 1 15.96 -17.69 35.33
C LEU H 1 16.03 -16.76 34.12
N LYS H 2 17.29 -16.44 33.79
CA LYS H 2 17.69 -15.50 32.75
C LYS H 2 17.26 -15.87 31.30
N SER H 3 17.54 -14.96 30.36
CA SER H 3 17.31 -15.25 28.95
C SER H 3 18.54 -16.01 28.47
N ALA H 4 18.36 -16.94 27.55
CA ALA H 4 19.48 -17.71 27.05
C ALA H 4 20.14 -17.04 25.85
N CYS H 5 21.39 -17.41 25.57
CA CYS H 5 22.10 -16.93 24.38
C CYS H 5 21.28 -17.23 23.13
N VAL H 6 21.11 -16.22 22.29
CA VAL H 6 20.24 -16.34 21.13
C VAL H 6 20.85 -17.28 20.07
N VAL H 7 22.15 -17.53 20.16
CA VAL H 7 22.83 -18.36 19.17
C VAL H 7 22.88 -19.85 19.53
N CYS H 8 23.17 -20.17 20.80
CA CYS H 8 23.28 -21.57 21.21
C CYS H 8 22.11 -22.04 22.08
N LEU H 9 21.36 -21.10 22.63
CA LEU H 9 20.15 -21.38 23.41
C LEU H 9 20.40 -22.24 24.66
N SER H 10 21.67 -22.40 25.01
CA SER H 10 22.03 -23.25 26.15
C SER H 10 22.81 -22.48 27.21
N SER H 11 23.33 -21.32 26.84
CA SER H 11 24.14 -20.52 27.75
C SER H 11 23.51 -19.15 28.00
N PHE H 12 23.99 -18.45 29.02
CA PHE H 12 23.50 -17.11 29.31
C PHE H 12 24.19 -16.08 28.43
N LYS H 13 23.45 -15.05 28.05
CA LYS H 13 24.03 -13.92 27.37
C LYS H 13 25.05 -13.30 28.33
N SER H 14 26.27 -13.08 27.87
CA SER H 14 27.32 -12.67 28.80
C SER H 14 28.10 -11.44 28.35
N CYS H 15 27.68 -10.80 27.26
CA CYS H 15 28.41 -9.63 26.79
C CYS H 15 27.54 -8.68 25.97
N VAL H 16 28.09 -7.49 25.72
CA VAL H 16 27.37 -6.49 24.96
C VAL H 16 28.17 -6.10 23.73
N PHE H 17 27.45 -5.93 22.62
CA PHE H 17 28.04 -5.53 21.35
C PHE H 17 27.94 -4.03 21.13
N LEU H 18 29.05 -3.44 20.73
CA LEU H 18 29.12 -2.03 20.39
C LEU H 18 29.45 -1.91 18.90
N GLU H 19 28.77 -1.00 18.20
CA GLU H 19 28.01 0.09 18.83
C GLU H 19 26.49 -0.07 18.85
N CYS H 20 26.00 -1.19 18.33
CA CYS H 20 24.55 -1.42 18.30
C CYS H 20 23.96 -1.40 19.71
N GLY H 21 24.68 -1.96 20.69
CA GLY H 21 24.26 -1.88 22.08
C GLY H 21 23.36 -3.04 22.49
N HIS H 22 23.49 -4.16 21.79
CA HIS H 22 22.64 -5.29 22.07
C HIS H 22 23.34 -6.35 22.91
N VAL H 23 22.59 -6.95 23.82
CA VAL H 23 23.05 -8.06 24.63
C VAL H 23 22.32 -9.33 24.23
N CYS H 24 22.95 -10.18 23.44
CA CYS H 24 22.25 -11.33 22.90
C CYS H 24 23.10 -12.59 22.78
N SER H 25 24.40 -12.46 23.00
CA SER H 25 25.28 -13.60 22.80
C SER H 25 26.13 -13.92 24.01
N CYS H 26 26.59 -15.16 24.06
CA CYS H 26 27.61 -15.59 25.00
C CYS H 26 28.97 -15.47 24.31
N THR H 27 30.04 -15.51 25.08
CA THR H 27 31.40 -15.32 24.55
C THR H 27 31.79 -16.33 23.47
N GLU H 28 31.62 -17.63 23.75
CA GLU H 28 31.98 -18.67 22.78
C GLU H 28 31.29 -18.45 21.44
N CYS H 29 29.98 -18.22 21.50
CA CYS H 29 29.21 -17.96 20.29
C CYS H 29 29.68 -16.70 19.58
N TYR H 30 30.08 -15.69 20.35
CA TYR H 30 30.71 -14.52 19.76
C TYR H 30 31.95 -14.92 18.97
N ARG H 31 32.72 -15.85 19.52
CA ARG H 31 33.95 -16.29 18.88
C ARG H 31 33.64 -17.07 17.61
N ALA H 32 32.50 -17.75 17.63
CA ALA H 32 32.06 -18.58 16.50
C ALA H 32 31.58 -17.80 15.29
N LEU H 33 31.09 -16.58 15.51
CA LEU H 33 30.56 -15.74 14.43
C LEU H 33 31.55 -15.63 13.28
N PRO H 34 31.03 -15.60 12.04
CA PRO H 34 31.85 -15.44 10.84
C PRO H 34 32.70 -14.18 10.96
N GLU H 35 33.91 -14.21 10.39
CA GLU H 35 34.88 -13.16 10.67
C GLU H 35 34.41 -11.77 10.29
N PRO H 36 33.64 -11.62 9.21
CA PRO H 36 33.01 -10.30 9.26
C PRO H 36 31.89 -10.39 10.31
N LYS H 37 32.23 -9.99 11.54
CA LYS H 37 31.34 -10.23 12.67
C LYS H 37 30.18 -9.27 12.69
N LYS H 38 28.97 -9.82 12.66
CA LYS H 38 27.74 -9.01 12.73
C LYS H 38 26.86 -9.48 13.88
N CYS H 39 26.09 -8.55 14.43
CA CYS H 39 25.17 -8.86 15.53
C CYS H 39 24.10 -9.86 15.07
N PRO H 40 23.94 -10.96 15.82
CA PRO H 40 22.95 -12.00 15.49
C PRO H 40 21.51 -11.52 15.48
N ILE H 41 21.23 -10.31 15.98
CA ILE H 41 19.87 -9.81 16.05
C ILE H 41 19.50 -8.72 15.02
N CYS H 42 20.41 -7.79 14.76
CA CYS H 42 20.11 -6.67 13.87
C CYS H 42 21.06 -6.64 12.68
N ARG H 43 21.94 -7.63 12.63
CA ARG H 43 22.92 -7.76 11.56
C ARG H 43 23.81 -6.55 11.38
N GLN H 44 23.88 -5.65 12.37
CA GLN H 44 24.85 -4.57 12.23
C GLN H 44 26.17 -5.11 12.70
N ALA H 45 27.24 -4.61 12.10
CA ALA H 45 28.56 -5.14 12.36
C ALA H 45 29.09 -4.73 13.72
N ILE H 46 29.74 -5.68 14.39
CA ILE H 46 30.28 -5.51 15.73
C ILE H 46 31.70 -4.97 15.74
N THR H 47 31.89 -3.77 16.27
CA THR H 47 33.21 -3.14 16.32
C THR H 47 33.89 -3.30 17.68
N ARG H 48 33.11 -3.62 18.71
CA ARG H 48 33.68 -3.74 20.04
C ARG H 48 32.85 -4.66 20.93
N VAL H 49 33.51 -5.44 21.78
CA VAL H 49 32.79 -6.33 22.69
C VAL H 49 33.14 -6.07 24.15
N ILE H 50 32.13 -5.96 25.00
CA ILE H 50 32.39 -5.76 26.43
C ILE H 50 31.68 -6.81 27.28
N PRO H 51 32.44 -7.63 28.01
CA PRO H 51 31.80 -8.68 28.81
C PRO H 51 30.95 -8.11 29.94
N LEU H 52 29.91 -8.84 30.32
CA LEU H 52 28.97 -8.40 31.36
C LEU H 52 29.10 -9.15 32.67
N TYR H 53 29.31 -8.40 33.75
CA TYR H 53 29.32 -8.98 35.07
C TYR H 53 27.97 -8.71 35.70
N ASN H 54 27.15 -9.77 35.81
CA ASN H 54 25.77 -9.65 36.27
C ASN H 54 25.62 -9.17 37.70
N SER H 55 26.64 -9.43 38.52
CA SER H 55 26.66 -9.03 39.93
C SER H 55 27.95 -9.55 40.55
ZN ZN I . -38.26 -13.97 -2.83
ZN ZN J . -36.39 -6.01 9.74
ZN ZN K . 21.10 27.49 21.95
ZN ZN L . 6.78 30.86 23.91
ZN ZN M . -14.02 10.88 -35.41
ZN ZN N . -17.85 2.30 -23.55
ZN ZN O . 25.80 -18.95 22.93
ZN ZN P . 22.87 -5.61 17.46
#